data_8D2K
#
_entry.id   8D2K
#
_cell.length_a   1.00
_cell.length_b   1.00
_cell.length_c   1.00
_cell.angle_alpha   90.00
_cell.angle_beta   90.00
_cell.angle_gamma   90.00
#
_symmetry.space_group_name_H-M   'P 1'
#
loop_
_entity.id
_entity.type
_entity.pdbx_description
1 polymer 'CRISPR-associated endonuclease, Csn1 family'
2 polymer 'Single Guide RNA (102-MER)'
3 polymer "DNA target strand (5'-D(*AP*GP*CP*TP*TP*GP*GP*TP*GP*TP*AP*TP*A)-3')"
4 polymer "DNA target strand (5'-D(P*CP*CP*AP*GP*GP*AP*TP*CP*TP*TP*GP*CP*CP*AP*TP*CP*CP*TP*AP*CP*CP*TP*CP*T)-3')"
5 polymer "DNA non-target strand (5'-D(P*TP*AP*TP*AP*CP*AP*CP*CP*AP*AP*GP*CP*T)-3')"
6 polymer "DNA non-target strand (5'-D(P*AP*GP*A)-3')"
7 non-polymer 'MAGNESIUM ION'
8 water water
#
loop_
_entity_poly.entity_id
_entity_poly.type
_entity_poly.pdbx_seq_one_letter_code
_entity_poly.pdbx_strand_id
1 'polypeptide(L)'
;MGGSEVGTVPVTWRLGVDVGERSIGLAAVSYEEDKPKEILAAVSWIHDGGVGDERSGASRLALRGMARRARRLRRFRRAR
LRDLDMLLSELGWTPLPDKNVSPVDAWLARKRLAEEYVVDETERRRLLGYAVSHMARHRGWRNPWTTIKDLKNLPQPSDS
WERTRESLEARYSVSLEPGTVGQWAGYLLQRAPGIRLNPTQQSAGRRAELSNATAFETRLRQEDVLWELRCIADVQGLPE
DVVSNVIDAVFCQKRPSVPAERIGRDPLDPSQLRASRACLEFQEYRIVAAVANLRIRDGSGSRPLSLEERNAVIEALLAQ
TERSLTWSDIALEILKLPNESDLTSVPEEDGPSSLAYSQFAPFDETSARIAEFIAKNRRKIPTFAQWWQEQDRTSRSDLV
AALADNSIAGEEEQELLVHLPDAELEALEGLALPSGRVAYSRLTLSGLTRVMRDDGVDVHNARKTCFGVDDNWRPPLPAL
HEATGHPVVDRNLAILRKFLSSATMRWGPPQSIVVELARGASESRERQAEEEAARRAHRKANDRIRAELRASGLSDPSPA
DLVRARLLELYDCHCMYCGAPISWENSELDHIVPRTDGGSNRHENLAITCGACNKEKGRRPFASWAETSNRVQLRDVIDR
VQKLKYSGNMYWTRDEFSRYKKSVVARLKRRTSDPEVIQSIESTGYAAVALRDRLLSYGEKNGVAQVAVFRGGVTAEARR
WLDISIERLFSRVAIFAQSTSTKRLDRRHHAVDAVVLTTLTPGVAKTLADARSRRVSAEFWRRPSDVNRHSTEEPQSPAY
RQWKESCSGLGDLLISTAARDSIAVAAPLRLRPTGALHEETLRAFSEHTVGAAWKGAELRRIVEPEVYAAFLALTDPGGR
FLKVSPSEDVLPADENRHIVLSDRVLGPRDRVKLFPDDRGSIRVRGGAAYIASFHHARVFRWGSSHSPSFALLRVSLADL
AVAGLLRDGVDVFTAELPPWTPAWRYASIALVKAVESGDAKQVGWLVPGDELDFGPEGVTTAAGDLSMFLKYFPERHWVV
TGFEDDKRINLKPAFLSAEQAEVLRTERSDRPDTLTEAGEILAQFFPRCWRATVAKVLCHPGLTVIRRTALGQPRWRRGH
LPYSWRPWSADPWSGGTP
;
A
2 'polyribonucleotide'
;(GTP)GUAGGAUGGCAAGAUCCUGGUAUGCUGGGGAGCCUGAAAAGGCUACCUAGCAAGACCCCUUCGUGGGGUCGCAUU
CUUCACCCCCUCGCAGCAGCGAGGGGGUUC
;
B
3 'polydeoxyribonucleotide' (DA)(DG)(DC)(DT)(DT)(DG)(DG)(DT)(DG)(DT)(DA)(DT)(DA) X
4 'polydeoxyribonucleotide'
;(DC)(DC)(DA)(DG)(DG)(DA)(DT)(DC)(DT)(DT)(DG)(DC)(DC)(DA)(DT)(DC)(DC)(DT)(DA)(DC)
(DC)(DT)(DC)(DT)
;
T
5 'polydeoxyribonucleotide' (DT)(DA)(DT)(DA)(DC)(DA)(DC)(DC)(DA)(DA)(DG)(DC)(DT) D
6 'polydeoxyribonucleotide' (DA)(DG)(DA) Y
#
loop_
_chem_comp.id
_chem_comp.type
_chem_comp.name
_chem_comp.formula
A RNA linking ADENOSINE-5'-MONOPHOSPHATE 'C10 H14 N5 O7 P'
C RNA linking CYTIDINE-5'-MONOPHOSPHATE 'C9 H14 N3 O8 P'
DA DNA linking 2'-DEOXYADENOSINE-5'-MONOPHOSPHATE 'C10 H14 N5 O6 P'
DC DNA linking 2'-DEOXYCYTIDINE-5'-MONOPHOSPHATE 'C9 H14 N3 O7 P'
DG DNA linking 2'-DEOXYGUANOSINE-5'-MONOPHOSPHATE 'C10 H14 N5 O7 P'
DT DNA linking THYMIDINE-5'-MONOPHOSPHATE 'C10 H15 N2 O8 P'
G RNA linking GUANOSINE-5'-MONOPHOSPHATE 'C10 H14 N5 O8 P'
GTP non-polymer GUANOSINE-5'-TRIPHOSPHATE 'C10 H16 N5 O14 P3'
MG non-polymer 'MAGNESIUM ION' 'Mg 2'
U RNA linking URIDINE-5'-MONOPHOSPHATE 'C9 H13 N2 O9 P'
#
# COMPACT_ATOMS: atom_id res chain seq x y z
N GLY A 7 2.65 23.05 -35.50
CA GLY A 7 2.12 22.55 -36.76
C GLY A 7 1.80 21.07 -36.75
N THR A 8 0.55 20.74 -36.50
CA THR A 8 0.11 19.35 -36.49
C THR A 8 0.03 18.81 -37.91
N VAL A 9 0.74 17.74 -38.19
CA VAL A 9 0.65 17.01 -39.45
C VAL A 9 -0.07 15.69 -39.21
N PRO A 10 -1.16 15.41 -39.92
CA PRO A 10 -1.92 14.17 -39.65
C PRO A 10 -1.28 12.98 -40.35
N VAL A 11 -1.12 11.88 -39.60
CA VAL A 11 -0.59 10.64 -40.14
C VAL A 11 -1.43 9.50 -39.57
N THR A 12 -1.42 8.37 -40.27
CA THR A 12 -2.08 7.16 -39.79
C THR A 12 -1.14 6.45 -38.84
N TRP A 13 -1.50 6.41 -37.56
CA TRP A 13 -0.62 5.82 -36.56
C TRP A 13 -1.41 5.11 -35.48
N ARG A 14 -0.73 4.21 -34.79
CA ARG A 14 -1.29 3.38 -33.75
C ARG A 14 -0.54 3.59 -32.45
N LEU A 15 -1.26 3.45 -31.35
CA LEU A 15 -0.72 3.63 -30.01
C LEU A 15 -0.67 2.28 -29.31
N GLY A 16 0.51 1.93 -28.82
CA GLY A 16 0.72 0.74 -28.03
C GLY A 16 1.01 1.11 -26.59
N VAL A 17 0.35 0.40 -25.67
CA VAL A 17 0.34 0.72 -24.25
C VAL A 17 0.73 -0.53 -23.47
N ASP A 18 1.90 -0.51 -22.88
CA ASP A 18 2.38 -1.56 -21.98
C ASP A 18 2.37 -1.04 -20.54
N VAL A 19 1.32 -1.36 -19.78
CA VAL A 19 1.31 -0.94 -18.38
C VAL A 19 2.28 -1.80 -17.57
N GLY A 20 2.68 -1.29 -16.43
CA GLY A 20 3.57 -2.05 -15.57
C GLY A 20 3.47 -1.59 -14.13
N GLU A 21 4.13 -2.36 -13.26
CA GLU A 21 4.13 -2.06 -11.83
C GLU A 21 4.91 -0.79 -11.54
N ARG A 22 6.11 -0.68 -12.11
CA ARG A 22 6.98 0.47 -11.96
C ARG A 22 7.39 1.04 -13.32
N SER A 23 6.58 0.82 -14.34
CA SER A 23 6.96 1.21 -15.69
C SER A 23 5.71 1.35 -16.54
N ILE A 24 5.90 1.97 -17.70
CA ILE A 24 4.92 1.93 -18.79
C ILE A 24 5.66 2.17 -20.11
N GLY A 25 5.41 1.31 -21.09
CA GLY A 25 5.96 1.47 -22.41
C GLY A 25 4.91 2.05 -23.34
N LEU A 26 5.32 3.07 -24.09
CA LEU A 26 4.39 3.79 -24.95
C LEU A 26 4.97 3.92 -26.34
N ALA A 27 4.20 3.51 -27.33
CA ALA A 27 4.63 3.60 -28.72
C ALA A 27 3.58 4.30 -29.57
N ALA A 28 4.05 5.25 -30.36
CA ALA A 28 3.33 5.82 -31.48
C ALA A 28 4.04 5.33 -32.72
N VAL A 29 3.39 4.45 -33.47
CA VAL A 29 3.97 3.86 -34.67
C VAL A 29 3.09 4.26 -35.85
N SER A 30 3.68 4.96 -36.83
CA SER A 30 2.94 5.33 -38.02
C SER A 30 2.87 4.14 -38.98
N TYR A 31 1.68 3.92 -39.53
CA TYR A 31 1.50 2.80 -40.43
C TYR A 31 1.20 3.27 -41.84
N GLU A 32 1.12 2.29 -42.73
CA GLU A 32 0.75 2.43 -44.13
C GLU A 32 0.27 1.05 -44.50
N GLU A 33 -0.98 0.95 -45.01
CA GLU A 33 -1.65 -0.35 -45.26
C GLU A 33 -1.71 -1.00 -43.89
N ASP A 34 -1.12 -2.18 -43.68
CA ASP A 34 -0.98 -2.75 -42.35
C ASP A 34 0.48 -2.93 -41.99
N LYS A 35 1.38 -2.27 -42.72
CA LYS A 35 2.83 -2.25 -42.54
C LYS A 35 3.26 -1.04 -41.73
N PRO A 36 4.17 -1.20 -40.77
CA PRO A 36 4.69 -0.04 -40.03
C PRO A 36 5.67 0.75 -40.88
N LYS A 37 5.47 2.06 -40.95
CA LYS A 37 6.34 2.93 -41.72
C LYS A 37 7.46 3.52 -40.87
N GLU A 38 7.14 3.91 -39.63
CA GLU A 38 8.08 4.67 -38.81
C GLU A 38 7.63 4.58 -37.36
N ILE A 39 8.59 4.39 -36.47
CA ILE A 39 8.34 4.52 -35.03
C ILE A 39 8.37 6.01 -34.72
N LEU A 40 7.19 6.62 -34.58
CA LEU A 40 7.10 8.05 -34.31
C LEU A 40 7.63 8.37 -32.92
N ALA A 41 7.32 7.52 -31.95
CA ALA A 41 7.80 7.72 -30.59
C ALA A 41 7.76 6.38 -29.86
N ALA A 42 8.89 5.95 -29.32
CA ALA A 42 8.92 4.80 -28.43
C ALA A 42 9.62 5.22 -27.16
N VAL A 43 8.98 4.99 -26.02
CA VAL A 43 9.59 5.44 -24.76
C VAL A 43 9.19 4.47 -23.66
N SER A 44 10.17 4.14 -22.82
CA SER A 44 9.93 3.46 -21.56
C SER A 44 9.99 4.48 -20.45
N TRP A 45 8.88 4.66 -19.76
CA TRP A 45 8.80 5.56 -18.63
C TRP A 45 8.86 4.73 -17.36
N ILE A 46 9.88 4.97 -16.56
CA ILE A 46 10.06 4.27 -15.30
C ILE A 46 9.42 5.10 -14.22
N HIS A 47 8.40 4.55 -13.56
CA HIS A 47 7.75 5.27 -12.48
C HIS A 47 7.89 4.50 -11.17
N ASP A 48 7.51 5.15 -10.08
CA ASP A 48 7.73 4.58 -8.76
C ASP A 48 6.56 3.78 -8.23
N GLY A 49 5.46 3.68 -8.97
CA GLY A 49 4.29 2.98 -8.49
C GLY A 49 3.63 3.63 -7.30
N GLY A 50 3.87 4.92 -7.09
CA GLY A 50 3.38 5.62 -5.93
C GLY A 50 4.26 5.50 -4.70
N VAL A 51 5.32 4.71 -4.75
CA VAL A 51 6.18 4.48 -3.59
C VAL A 51 7.23 5.59 -3.53
N GLY A 52 7.26 6.30 -2.41
CA GLY A 52 8.27 7.34 -2.21
C GLY A 52 9.51 6.85 -1.49
N ASP A 53 9.30 6.02 -0.47
CA ASP A 53 10.38 5.44 0.33
C ASP A 53 10.28 3.92 0.17
N GLU A 54 11.30 3.32 -0.46
CA GLU A 54 11.28 1.90 -0.73
C GLU A 54 11.47 1.07 0.54
N ARG A 55 12.19 1.63 1.52
CA ARG A 55 12.38 0.91 2.78
C ARG A 55 11.08 0.86 3.59
N SER A 56 10.28 1.92 3.51
CA SER A 56 8.95 1.89 4.13
C SER A 56 8.03 0.94 3.40
N GLY A 57 8.21 0.79 2.08
CA GLY A 57 7.43 -0.12 1.27
C GLY A 57 6.11 0.45 0.80
N ALA A 58 5.45 1.20 1.69
CA ALA A 58 4.14 1.76 1.44
C ALA A 58 4.23 2.90 0.44
N SER A 59 3.10 3.19 -0.20
CA SER A 59 3.03 4.29 -1.13
C SER A 59 3.00 5.63 -0.38
N ARG A 60 3.22 6.71 -1.12
CA ARG A 60 3.15 8.05 -0.55
C ARG A 60 1.75 8.35 -0.04
N LEU A 61 0.74 7.89 -0.78
CA LEU A 61 -0.65 8.06 -0.37
C LEU A 61 -0.95 7.28 0.91
N ALA A 62 -0.41 6.06 1.02
CA ALA A 62 -0.62 5.27 2.23
C ALA A 62 0.07 5.88 3.43
N LEU A 63 1.30 6.38 3.25
CA LEU A 63 2.02 7.03 4.35
C LEU A 63 1.32 8.31 4.78
N ARG A 64 0.79 9.08 3.82
CA ARG A 64 0.03 10.27 4.15
C ARG A 64 -1.26 9.94 4.89
N GLY A 65 -1.95 8.87 4.49
CA GLY A 65 -3.15 8.46 5.18
C GLY A 65 -2.88 8.02 6.60
N MET A 66 -1.79 7.26 6.81
CA MET A 66 -1.41 6.84 8.15
C MET A 66 -1.02 8.02 9.03
N ALA A 67 -0.27 8.98 8.48
CA ALA A 67 0.12 10.17 9.24
C ALA A 67 -1.09 11.04 9.58
N ARG A 68 -2.01 11.21 8.61
CA ARG A 68 -3.23 11.98 8.84
C ARG A 68 -4.09 11.33 9.91
N ARG A 69 -4.19 10.00 9.90
CA ARG A 69 -5.01 9.33 10.89
C ARG A 69 -4.34 9.30 12.26
N ALA A 70 -3.00 9.31 12.31
CA ALA A 70 -2.32 9.48 13.58
C ALA A 70 -2.58 10.87 14.16
N ARG A 71 -2.54 11.90 13.30
CA ARG A 71 -2.89 13.26 13.73
C ARG A 71 -4.32 13.34 14.23
N ARG A 72 -5.25 12.70 13.52
CA ARG A 72 -6.66 12.71 13.91
C ARG A 72 -6.88 11.98 15.23
N LEU A 73 -6.21 10.83 15.41
CA LEU A 73 -6.31 10.08 16.66
C LEU A 73 -5.80 10.91 17.83
N ARG A 74 -4.66 11.58 17.65
CA ARG A 74 -4.10 12.36 18.74
C ARG A 74 -4.94 13.60 19.05
N ARG A 75 -5.53 14.21 18.03
CA ARG A 75 -6.40 15.37 18.26
C ARG A 75 -7.70 14.98 18.97
N PHE A 76 -8.30 13.85 18.59
CA PHE A 76 -9.48 13.42 19.31
C PHE A 76 -9.14 12.89 20.70
N ARG A 77 -7.94 12.32 20.87
CA ARG A 77 -7.51 11.90 22.20
C ARG A 77 -7.33 13.10 23.12
N ARG A 78 -6.76 14.19 22.58
CA ARG A 78 -6.69 15.46 23.29
C ARG A 78 -8.06 15.95 23.75
N ALA A 79 -9.03 15.95 22.81
CA ALA A 79 -10.37 16.43 23.15
C ALA A 79 -11.05 15.54 24.18
N ARG A 80 -10.90 14.22 24.04
CA ARG A 80 -11.49 13.26 24.95
C ARG A 80 -10.90 13.36 26.36
N LEU A 81 -9.58 13.51 26.46
CA LEU A 81 -8.93 13.65 27.76
C LEU A 81 -9.27 14.99 28.42
N ARG A 82 -9.45 16.05 27.62
CA ARG A 82 -9.88 17.32 28.18
C ARG A 82 -11.30 17.24 28.74
N ASP A 83 -12.20 16.54 28.02
CA ASP A 83 -13.56 16.37 28.53
C ASP A 83 -13.58 15.50 29.79
N LEU A 84 -12.69 14.51 29.85
CA LEU A 84 -12.54 13.73 31.09
C LEU A 84 -12.04 14.62 32.23
N ASP A 85 -11.10 15.52 31.95
CA ASP A 85 -10.60 16.45 32.96
C ASP A 85 -11.72 17.34 33.49
N MET A 86 -12.61 17.78 32.60
CA MET A 86 -13.77 18.56 33.02
C MET A 86 -14.70 17.76 33.91
N LEU A 87 -14.93 16.48 33.57
CA LEU A 87 -15.76 15.61 34.41
C LEU A 87 -15.12 15.38 35.78
N LEU A 88 -13.79 15.19 35.80
CA LEU A 88 -13.07 14.98 37.06
C LEU A 88 -13.12 16.22 37.93
N SER A 89 -13.04 17.41 37.31
CA SER A 89 -13.17 18.64 38.06
C SER A 89 -14.58 18.83 38.59
N GLU A 90 -15.59 18.38 37.84
CA GLU A 90 -16.96 18.45 38.34
C GLU A 90 -17.19 17.49 39.49
N LEU A 91 -16.54 16.33 39.45
CA LEU A 91 -16.65 15.35 40.54
C LEU A 91 -15.78 15.71 41.74
N GLY A 92 -14.82 16.62 41.58
CA GLY A 92 -13.89 16.90 42.65
C GLY A 92 -12.72 15.95 42.72
N TRP A 93 -12.46 15.21 41.65
CA TRP A 93 -11.38 14.25 41.61
C TRP A 93 -10.16 14.91 40.96
N THR A 94 -8.99 14.69 41.55
CA THR A 94 -7.78 15.36 41.09
C THR A 94 -7.10 14.53 40.02
N PRO A 95 -6.95 15.03 38.80
CA PRO A 95 -6.23 14.28 37.76
C PRO A 95 -4.76 14.16 38.09
N LEU A 96 -4.13 13.13 37.52
CA LEU A 96 -2.72 12.89 37.75
C LEU A 96 -1.89 14.05 37.19
N PRO A 97 -1.03 14.66 38.00
CA PRO A 97 -0.26 15.82 37.53
C PRO A 97 0.83 15.43 36.56
N ASP A 98 1.33 16.45 35.84
CA ASP A 98 2.32 16.23 34.81
C ASP A 98 3.69 15.88 35.38
N LYS A 99 3.98 16.32 36.59
CA LYS A 99 5.30 16.14 37.19
C LYS A 99 5.15 16.15 38.70
N ASN A 100 6.28 15.88 39.38
CA ASN A 100 6.41 15.88 40.84
C ASN A 100 5.46 14.89 41.50
N VAL A 101 5.26 13.74 40.85
CA VAL A 101 4.57 12.62 41.44
C VAL A 101 5.43 11.39 41.25
N SER A 102 5.16 10.38 42.06
CA SER A 102 5.88 9.13 41.93
C SER A 102 5.50 8.44 40.62
N PRO A 103 6.45 7.72 40.01
CA PRO A 103 6.14 6.95 38.79
C PRO A 103 5.09 5.88 38.98
N VAL A 104 4.88 5.40 40.20
CA VAL A 104 3.89 4.37 40.46
C VAL A 104 2.70 4.94 41.22
N ASP A 105 2.50 6.27 41.20
CA ASP A 105 1.39 6.87 41.93
C ASP A 105 0.04 6.45 41.36
N ALA A 106 -0.10 6.48 40.03
CA ALA A 106 -1.33 6.07 39.39
C ALA A 106 -1.60 4.58 39.57
N TRP A 107 -0.56 3.76 39.41
CA TRP A 107 -0.70 2.32 39.55
C TRP A 107 -1.05 1.93 40.99
N LEU A 108 -0.41 2.57 41.97
CA LEU A 108 -0.72 2.29 43.37
C LEU A 108 -2.09 2.82 43.75
N ALA A 109 -2.53 3.92 43.14
CA ALA A 109 -3.89 4.40 43.34
C ALA A 109 -4.90 3.39 42.82
N ARG A 110 -4.67 2.85 41.62
CA ARG A 110 -5.55 1.83 41.05
C ARG A 110 -5.59 0.59 41.93
N LYS A 111 -4.41 0.16 42.38
CA LYS A 111 -4.29 -1.03 43.22
C LYS A 111 -5.02 -0.86 44.55
N ARG A 112 -4.80 0.28 45.23
CA ARG A 112 -5.39 0.51 46.54
C ARG A 112 -6.90 0.68 46.44
N LEU A 113 -7.39 1.37 45.40
CA LEU A 113 -8.82 1.55 45.25
C LEU A 113 -9.51 0.24 44.88
N ALA A 114 -8.82 -0.65 44.17
CA ALA A 114 -9.38 -1.97 43.93
C ALA A 114 -9.36 -2.82 45.19
N GLU A 115 -8.37 -2.61 46.07
CA GLU A 115 -8.19 -3.50 47.20
C GLU A 115 -9.05 -3.13 48.41
N GLU A 116 -9.06 -1.87 48.82
CA GLU A 116 -9.70 -1.52 50.07
C GLU A 116 -10.39 -0.17 49.98
N TYR A 117 -11.43 -0.02 50.79
CA TYR A 117 -12.15 1.24 50.88
C TYR A 117 -11.28 2.29 51.57
N VAL A 118 -11.28 3.50 51.01
CA VAL A 118 -10.46 4.60 51.49
C VAL A 118 -11.37 5.54 52.26
N VAL A 119 -11.15 5.64 53.58
CA VAL A 119 -12.08 6.35 54.45
C VAL A 119 -11.97 7.86 54.26
N ASP A 120 -10.73 8.37 54.16
CA ASP A 120 -10.51 9.81 53.99
C ASP A 120 -11.06 10.23 52.64
N GLU A 121 -11.99 11.20 52.65
CA GLU A 121 -12.63 11.62 51.41
C GLU A 121 -11.65 12.34 50.49
N THR A 122 -10.76 13.16 51.06
CA THR A 122 -9.77 13.87 50.26
C THR A 122 -8.81 12.89 49.58
N GLU A 123 -8.32 11.91 50.34
CA GLU A 123 -7.47 10.87 49.79
C GLU A 123 -8.21 10.05 48.74
N ARG A 124 -9.49 9.75 48.99
CA ARG A 124 -10.28 8.96 48.07
C ARG A 124 -10.48 9.68 46.74
N ARG A 125 -10.81 10.97 46.79
CA ARG A 125 -11.01 11.74 45.57
C ARG A 125 -9.71 11.91 44.80
N ARG A 126 -8.58 12.12 45.50
CA ARG A 126 -7.30 12.25 44.82
C ARG A 126 -6.91 10.95 44.11
N LEU A 127 -7.03 9.82 44.82
CA LEU A 127 -6.67 8.53 44.23
C LEU A 127 -7.62 8.15 43.11
N LEU A 128 -8.91 8.50 43.23
CA LEU A 128 -9.88 8.21 42.18
C LEU A 128 -9.57 9.01 40.93
N GLY A 129 -9.22 10.29 41.08
CA GLY A 129 -8.86 11.09 39.92
C GLY A 129 -7.58 10.63 39.25
N TYR A 130 -6.57 10.27 40.06
CA TYR A 130 -5.32 9.72 39.54
C TYR A 130 -5.60 8.47 38.72
N ALA A 131 -6.36 7.54 39.31
CA ALA A 131 -6.65 6.26 38.68
C ALA A 131 -7.46 6.43 37.40
N VAL A 132 -8.46 7.30 37.41
CA VAL A 132 -9.34 7.46 36.26
C VAL A 132 -8.62 8.17 35.11
N SER A 133 -7.84 9.22 35.42
CA SER A 133 -7.08 9.91 34.37
C SER A 133 -6.04 8.98 33.74
N HIS A 134 -5.35 8.19 34.57
CA HIS A 134 -4.40 7.22 34.03
C HIS A 134 -5.08 6.13 33.23
N MET A 135 -6.26 5.70 33.67
CA MET A 135 -7.04 4.70 32.96
C MET A 135 -7.44 5.20 31.59
N ALA A 136 -7.81 6.47 31.49
CA ALA A 136 -8.16 7.04 30.19
C ALA A 136 -6.94 7.15 29.30
N ARG A 137 -5.76 7.40 29.87
CA ARG A 137 -4.55 7.40 29.05
C ARG A 137 -4.19 5.99 28.57
N HIS A 138 -4.48 4.96 29.36
CA HIS A 138 -4.11 3.58 29.02
C HIS A 138 -5.34 2.70 29.20
N ARG A 139 -6.22 2.69 28.20
CA ARG A 139 -7.53 2.07 28.36
C ARG A 139 -7.68 0.73 27.67
N GLY A 140 -6.70 0.30 26.89
CA GLY A 140 -6.81 -0.94 26.17
C GLY A 140 -7.65 -0.82 24.92
N TRP A 141 -7.81 -1.94 24.24
CA TRP A 141 -8.39 -1.97 22.91
C TRP A 141 -9.83 -2.47 22.93
N ARG A 142 -10.66 -1.86 22.08
CA ARG A 142 -12.03 -2.27 21.82
C ARG A 142 -12.24 -2.31 20.32
N ASN A 143 -13.11 -3.20 19.87
CA ASN A 143 -13.69 -3.16 18.54
C ASN A 143 -14.25 -1.76 18.31
N PRO A 144 -13.73 -1.00 17.34
CA PRO A 144 -14.18 0.38 17.16
C PRO A 144 -15.63 0.51 16.71
N TRP A 145 -16.20 -0.53 16.11
CA TRP A 145 -17.59 -0.53 15.67
C TRP A 145 -18.56 -0.85 16.79
N THR A 146 -18.07 -1.21 17.97
CA THR A 146 -18.91 -1.51 19.11
C THR A 146 -19.10 -0.26 19.96
N THR A 147 -20.30 -0.15 20.54
CA THR A 147 -20.61 0.98 21.40
C THR A 147 -20.08 0.74 22.81
N ILE A 148 -20.27 1.75 23.67
CA ILE A 148 -19.93 1.60 25.07
C ILE A 148 -20.87 0.63 25.76
N LYS A 149 -22.15 0.61 25.36
CA LYS A 149 -23.08 -0.40 25.86
C LYS A 149 -22.67 -1.80 25.42
N ASP A 150 -22.17 -1.93 24.18
CA ASP A 150 -21.63 -3.20 23.72
C ASP A 150 -20.40 -3.59 24.50
N LEU A 151 -19.59 -2.61 24.91
CA LEU A 151 -18.45 -2.89 25.78
C LEU A 151 -18.91 -3.37 27.15
N LYS A 152 -19.98 -2.77 27.68
CA LYS A 152 -20.55 -3.20 28.95
C LYS A 152 -21.13 -4.60 28.88
N ASN A 153 -21.62 -5.00 27.70
CA ASN A 153 -22.20 -6.32 27.55
C ASN A 153 -21.16 -7.43 27.37
N LEU A 154 -19.88 -7.09 27.21
CA LEU A 154 -18.84 -8.09 27.09
C LEU A 154 -18.59 -8.76 28.44
N PRO A 155 -18.07 -9.99 28.45
CA PRO A 155 -17.64 -10.60 29.71
C PRO A 155 -16.52 -9.79 30.36
N GLN A 156 -16.57 -9.67 31.69
CA GLN A 156 -15.65 -8.81 32.42
C GLN A 156 -15.05 -9.59 33.58
N PRO A 157 -13.73 -9.79 33.60
CA PRO A 157 -12.74 -9.40 32.60
C PRO A 157 -12.71 -10.35 31.42
N SER A 158 -11.97 -9.99 30.36
CA SER A 158 -11.85 -10.85 29.21
C SER A 158 -11.03 -12.10 29.53
N ASP A 159 -11.20 -13.11 28.68
CA ASP A 159 -10.45 -14.36 28.81
C ASP A 159 -8.95 -14.15 28.66
N SER A 160 -8.55 -13.15 27.88
CA SER A 160 -7.14 -12.80 27.75
C SER A 160 -6.56 -12.37 29.10
N TRP A 161 -7.29 -11.55 29.84
CA TRP A 161 -6.81 -11.14 31.15
C TRP A 161 -6.90 -12.27 32.16
N GLU A 162 -7.89 -13.19 32.03
CA GLU A 162 -7.92 -14.33 32.95
C GLU A 162 -6.72 -15.26 32.74
N ARG A 163 -6.33 -15.46 31.48
CA ARG A 163 -5.13 -16.25 31.19
C ARG A 163 -3.88 -15.53 31.68
N THR A 164 -3.82 -14.20 31.50
CA THR A 164 -2.69 -13.41 32.01
C THR A 164 -2.61 -13.50 33.52
N ARG A 165 -3.77 -13.45 34.20
CA ARG A 165 -3.82 -13.53 35.65
C ARG A 165 -3.35 -14.89 36.16
N GLU A 166 -3.78 -15.97 35.50
CA GLU A 166 -3.32 -17.30 35.87
C GLU A 166 -1.82 -17.45 35.67
N SER A 167 -1.31 -16.92 34.55
CA SER A 167 0.14 -16.95 34.30
C SER A 167 0.90 -16.14 35.34
N LEU A 168 0.38 -14.98 35.73
CA LEU A 168 1.05 -14.14 36.72
C LEU A 168 1.04 -14.76 38.10
N GLU A 169 -0.09 -15.39 38.47
CA GLU A 169 -0.17 -16.07 39.76
C GLU A 169 0.79 -17.24 39.82
N ALA A 170 0.91 -17.99 38.72
CA ALA A 170 1.87 -19.09 38.66
C ALA A 170 3.31 -18.57 38.70
N ARG A 171 3.57 -17.44 38.04
CA ARG A 171 4.92 -16.93 37.95
C ARG A 171 5.39 -16.27 39.24
N TYR A 172 4.48 -15.67 40.01
CA TYR A 172 4.87 -14.89 41.18
C TYR A 172 4.36 -15.43 42.50
N SER A 173 3.68 -16.58 42.52
CA SER A 173 3.27 -17.30 43.73
C SER A 173 2.43 -16.43 44.67
N VAL A 174 1.54 -15.63 44.09
CA VAL A 174 0.68 -14.73 44.85
C VAL A 174 -0.59 -14.52 44.03
N SER A 175 -1.72 -14.50 44.73
CA SER A 175 -3.03 -14.33 44.12
C SER A 175 -3.61 -13.01 44.62
N LEU A 176 -3.55 -11.98 43.79
CA LEU A 176 -4.16 -10.71 44.11
C LEU A 176 -5.66 -10.77 43.88
N GLU A 177 -6.42 -10.17 44.79
CA GLU A 177 -7.87 -10.17 44.71
C GLU A 177 -8.37 -8.75 44.48
N PRO A 178 -9.15 -8.50 43.43
CA PRO A 178 -9.64 -9.45 42.42
C PRO A 178 -8.65 -9.68 41.28
N GLY A 179 -7.46 -9.08 41.35
CA GLY A 179 -6.46 -9.28 40.33
C GLY A 179 -6.66 -8.41 39.12
N THR A 180 -6.83 -7.12 39.34
CA THR A 180 -7.01 -6.24 38.19
C THR A 180 -5.66 -5.92 37.55
N VAL A 181 -5.72 -5.26 36.39
CA VAL A 181 -4.51 -4.88 35.68
C VAL A 181 -3.73 -3.86 36.50
N GLY A 182 -4.42 -2.88 37.08
CA GLY A 182 -3.74 -1.90 37.92
C GLY A 182 -3.17 -2.50 39.18
N GLN A 183 -3.90 -3.43 39.80
CA GLN A 183 -3.42 -4.14 40.98
C GLN A 183 -2.14 -4.92 40.69
N TRP A 184 -2.16 -5.73 39.62
CA TRP A 184 -1.01 -6.54 39.27
C TRP A 184 0.16 -5.69 38.80
N ALA A 185 -0.11 -4.61 38.08
CA ALA A 185 0.96 -3.76 37.58
C ALA A 185 1.62 -2.96 38.70
N GLY A 186 0.83 -2.41 39.63
CA GLY A 186 1.40 -1.73 40.78
C GLY A 186 2.20 -2.67 41.66
N TYR A 187 1.67 -3.89 41.86
CA TYR A 187 2.36 -4.90 42.65
C TYR A 187 3.69 -5.28 42.02
N LEU A 188 3.71 -5.49 40.70
CA LEU A 188 4.93 -5.92 40.04
C LEU A 188 5.92 -4.79 39.89
N LEU A 189 5.45 -3.55 39.73
CA LEU A 189 6.36 -2.42 39.67
C LEU A 189 6.99 -2.14 41.02
N GLN A 190 6.34 -2.55 42.11
CA GLN A 190 7.01 -2.47 43.39
C GLN A 190 7.90 -3.68 43.68
N ARG A 191 7.44 -4.90 43.35
CA ARG A 191 8.16 -6.12 43.68
C ARG A 191 9.40 -6.30 42.82
N ALA A 192 9.29 -6.08 41.52
CA ALA A 192 10.39 -6.20 40.57
C ALA A 192 10.57 -4.83 39.92
N PRO A 193 11.33 -3.93 40.54
CA PRO A 193 11.52 -2.59 39.95
C PRO A 193 12.27 -2.65 38.64
N GLY A 194 11.81 -1.85 37.68
CA GLY A 194 12.35 -1.89 36.35
C GLY A 194 11.72 -2.90 35.42
N ILE A 195 10.67 -3.60 35.86
CA ILE A 195 9.98 -4.53 34.97
C ILE A 195 9.21 -3.74 33.92
N ARG A 196 9.20 -4.27 32.70
CA ARG A 196 8.45 -3.69 31.61
C ARG A 196 7.07 -4.34 31.59
N LEU A 197 6.03 -3.54 31.35
CA LEU A 197 4.69 -4.09 31.43
C LEU A 197 4.32 -4.88 30.18
N ASN A 198 4.57 -4.32 29.01
CA ASN A 198 4.11 -4.93 27.78
C ASN A 198 5.29 -5.32 26.90
N PRO A 199 5.14 -6.32 26.02
CA PRO A 199 6.21 -6.65 25.07
C PRO A 199 6.46 -5.51 24.11
N THR A 200 7.73 -5.32 23.75
CA THR A 200 8.13 -4.21 22.91
C THR A 200 9.00 -4.72 21.76
N GLN A 201 9.28 -3.83 20.81
CA GLN A 201 10.14 -4.18 19.68
C GLN A 201 11.60 -4.30 20.11
N GLN A 202 12.23 -5.40 19.73
CA GLN A 202 13.58 -5.77 20.16
C GLN A 202 14.60 -5.42 19.10
N SER A 203 15.88 -5.56 19.47
CA SER A 203 16.99 -5.18 18.60
C SER A 203 17.99 -6.32 18.45
N LEU A 210 19.48 -7.33 30.09
CA LEU A 210 19.23 -7.15 28.67
C LEU A 210 17.76 -7.42 28.35
N SER A 211 17.46 -8.63 27.88
CA SER A 211 16.10 -9.04 27.55
C SER A 211 15.53 -9.79 28.75
N ASN A 212 14.69 -9.11 29.51
CA ASN A 212 14.00 -9.67 30.66
C ASN A 212 12.52 -9.84 30.32
N ALA A 213 11.86 -10.72 31.07
CA ALA A 213 10.46 -11.03 30.81
C ALA A 213 9.56 -9.87 31.21
N THR A 214 8.62 -9.53 30.34
CA THR A 214 7.67 -8.48 30.66
C THR A 214 6.60 -8.99 31.62
N ALA A 215 5.85 -8.03 32.17
CA ALA A 215 4.77 -8.40 33.09
C ALA A 215 3.60 -9.03 32.35
N PHE A 216 3.18 -8.43 31.24
CA PHE A 216 2.03 -8.88 30.49
C PHE A 216 2.47 -9.35 29.11
N GLU A 217 1.61 -10.11 28.46
CA GLU A 217 2.00 -10.67 27.17
C GLU A 217 0.99 -10.35 26.07
N THR A 218 -0.30 -10.31 26.38
CA THR A 218 -1.32 -10.09 25.38
C THR A 218 -1.81 -8.65 25.42
N ARG A 219 -2.60 -8.28 24.42
CA ARG A 219 -3.11 -6.93 24.30
C ARG A 219 -4.17 -6.66 25.37
N LEU A 220 -4.01 -5.55 26.07
CA LEU A 220 -4.98 -5.13 27.07
C LEU A 220 -6.31 -4.76 26.43
N ARG A 221 -7.40 -5.19 27.04
CA ARG A 221 -8.72 -4.95 26.49
C ARG A 221 -9.49 -3.93 27.33
N GLN A 222 -10.37 -3.20 26.63
CA GLN A 222 -11.17 -2.17 27.27
C GLN A 222 -12.13 -2.77 28.27
N GLU A 223 -12.56 -4.02 28.06
CA GLU A 223 -13.40 -4.66 29.05
C GLU A 223 -12.62 -5.02 30.31
N ASP A 224 -11.31 -5.27 30.20
CA ASP A 224 -10.48 -5.47 31.38
C ASP A 224 -10.36 -4.17 32.18
N VAL A 225 -10.10 -3.06 31.49
CA VAL A 225 -10.02 -1.77 32.17
C VAL A 225 -11.39 -1.36 32.74
N LEU A 226 -12.46 -1.68 32.01
CA LEU A 226 -13.82 -1.43 32.48
C LEU A 226 -14.15 -2.25 33.72
N TRP A 227 -13.70 -3.52 33.75
CA TRP A 227 -13.91 -4.36 34.91
C TRP A 227 -13.14 -3.85 36.12
N GLU A 228 -11.93 -3.33 35.90
CA GLU A 228 -11.19 -2.71 36.99
C GLU A 228 -11.90 -1.47 37.51
N LEU A 229 -12.47 -0.67 36.60
CA LEU A 229 -13.25 0.51 36.98
C LEU A 229 -14.47 0.11 37.81
N ARG A 230 -15.16 -0.96 37.40
CA ARG A 230 -16.31 -1.46 38.15
C ARG A 230 -15.91 -1.99 39.51
N CYS A 231 -14.76 -2.68 39.59
CA CYS A 231 -14.27 -3.19 40.87
C CYS A 231 -13.93 -2.05 41.82
N ILE A 232 -13.27 -1.01 41.31
CA ILE A 232 -12.94 0.16 42.10
C ILE A 232 -14.20 0.85 42.58
N ALA A 233 -15.20 0.94 41.69
CA ALA A 233 -16.47 1.57 42.03
C ALA A 233 -17.21 0.78 43.11
N ASP A 234 -17.19 -0.55 43.02
CA ASP A 234 -17.88 -1.37 44.01
C ASP A 234 -17.18 -1.32 45.36
N VAL A 235 -15.84 -1.28 45.36
CA VAL A 235 -15.11 -1.21 46.61
C VAL A 235 -15.29 0.16 47.27
N GLN A 236 -15.21 1.24 46.49
CA GLN A 236 -15.30 2.59 47.04
C GLN A 236 -16.73 3.08 47.20
N GLY A 237 -17.73 2.33 46.74
CA GLY A 237 -19.11 2.74 46.87
C GLY A 237 -19.50 3.98 46.06
N LEU A 238 -19.03 4.08 44.83
CA LEU A 238 -19.39 5.22 44.01
C LEU A 238 -20.82 5.08 43.50
N PRO A 239 -21.56 6.19 43.38
CA PRO A 239 -22.92 6.13 42.84
C PRO A 239 -22.92 5.71 41.39
N GLU A 240 -23.98 5.01 40.99
CA GLU A 240 -24.07 4.39 39.67
C GLU A 240 -24.07 5.43 38.55
N ASP A 241 -24.67 6.60 38.78
CA ASP A 241 -24.64 7.64 37.76
C ASP A 241 -23.24 8.19 37.57
N VAL A 242 -22.47 8.30 38.66
CA VAL A 242 -21.08 8.74 38.59
C VAL A 242 -20.25 7.72 37.82
N VAL A 243 -20.47 6.43 38.10
CA VAL A 243 -19.76 5.35 37.41
C VAL A 243 -20.09 5.36 35.92
N SER A 244 -21.37 5.59 35.59
CA SER A 244 -21.80 5.63 34.20
C SER A 244 -21.14 6.80 33.46
N ASN A 245 -21.12 7.99 34.07
CA ASN A 245 -20.50 9.16 33.46
C ASN A 245 -19.01 8.95 33.26
N VAL A 246 -18.33 8.35 34.24
CA VAL A 246 -16.90 8.09 34.15
C VAL A 246 -16.63 7.07 33.03
N ILE A 247 -17.49 6.06 32.90
CA ILE A 247 -17.31 5.04 31.86
C ILE A 247 -17.47 5.65 30.48
N ASP A 248 -18.51 6.47 30.30
CA ASP A 248 -18.73 7.12 29.00
C ASP A 248 -17.66 8.16 28.69
N ALA A 249 -16.97 8.70 29.71
CA ALA A 249 -15.88 9.62 29.42
C ALA A 249 -14.58 8.90 29.11
N VAL A 250 -14.29 7.82 29.84
CA VAL A 250 -13.03 7.09 29.66
C VAL A 250 -13.02 6.36 28.32
N PHE A 251 -14.11 5.67 28.01
CA PHE A 251 -14.13 4.79 26.84
C PHE A 251 -14.83 5.42 25.64
N CYS A 252 -14.84 6.75 25.57
CA CYS A 252 -15.37 7.44 24.41
C CYS A 252 -14.52 7.16 23.18
N GLN A 253 -15.18 6.95 22.04
CA GLN A 253 -14.48 6.58 20.82
C GLN A 253 -15.34 6.97 19.63
N LYS A 254 -14.71 7.58 18.63
CA LYS A 254 -15.41 7.88 17.39
C LYS A 254 -15.78 6.59 16.67
N ARG A 255 -17.01 6.51 16.20
CA ARG A 255 -17.44 5.38 15.41
C ARG A 255 -16.74 5.46 14.04
N PRO A 256 -16.20 4.34 13.54
CA PRO A 256 -15.64 4.37 12.18
C PRO A 256 -16.74 4.60 11.16
N SER A 257 -16.38 5.31 10.10
CA SER A 257 -17.35 5.79 9.15
C SER A 257 -16.81 5.64 7.74
N VAL A 258 -17.72 5.62 6.79
CA VAL A 258 -17.43 5.53 5.37
C VAL A 258 -17.82 6.86 4.73
N PRO A 259 -16.90 7.59 4.13
CA PRO A 259 -17.31 8.75 3.32
C PRO A 259 -18.08 8.27 2.10
N ALA A 260 -19.21 8.93 1.82
CA ALA A 260 -20.08 8.48 0.74
C ALA A 260 -19.46 8.71 -0.62
N GLU A 261 -18.53 9.67 -0.74
CA GLU A 261 -17.79 9.87 -1.97
C GLU A 261 -16.87 8.70 -2.29
N ARG A 262 -16.57 7.85 -1.30
CA ARG A 262 -15.80 6.64 -1.57
C ARG A 262 -16.65 5.52 -2.15
N ILE A 263 -17.97 5.64 -2.10
CA ILE A 263 -18.86 4.62 -2.62
C ILE A 263 -19.10 4.89 -4.10
N GLY A 264 -19.06 3.83 -4.91
CA GLY A 264 -19.27 3.96 -6.33
C GLY A 264 -20.70 4.31 -6.68
N ARG A 265 -20.91 4.69 -7.93
CA ARG A 265 -22.20 5.11 -8.42
C ARG A 265 -22.80 4.03 -9.32
N ASP A 266 -24.12 4.00 -9.36
CA ASP A 266 -24.84 3.13 -10.26
C ASP A 266 -24.54 3.51 -11.71
N PRO A 267 -24.11 2.58 -12.56
CA PRO A 267 -23.84 2.93 -13.97
C PRO A 267 -25.07 3.38 -14.74
N LEU A 268 -26.25 2.83 -14.44
CA LEU A 268 -27.46 3.28 -15.11
C LEU A 268 -27.98 4.59 -14.55
N ASP A 269 -27.75 4.85 -13.25
CA ASP A 269 -28.21 6.07 -12.58
C ASP A 269 -27.05 6.66 -11.80
N PRO A 270 -26.22 7.50 -12.44
CA PRO A 270 -24.99 8.01 -11.78
C PRO A 270 -25.25 8.91 -10.58
N SER A 271 -26.44 9.49 -10.45
CA SER A 271 -26.76 10.30 -9.27
C SER A 271 -26.91 9.45 -8.02
N GLN A 272 -27.21 8.18 -8.16
CA GLN A 272 -27.47 7.30 -7.02
C GLN A 272 -26.21 6.55 -6.62
N LEU A 273 -26.06 6.35 -5.32
CA LEU A 273 -25.01 5.47 -4.80
C LEU A 273 -25.35 4.02 -5.12
N ARG A 274 -24.31 3.20 -5.24
CA ARG A 274 -24.51 1.76 -5.35
C ARG A 274 -25.10 1.20 -4.07
N ALA A 275 -25.98 0.22 -4.21
CA ALA A 275 -26.69 -0.32 -3.07
C ALA A 275 -25.80 -1.28 -2.27
N SER A 276 -26.13 -1.41 -1.00
CA SER A 276 -25.52 -2.41 -0.15
C SER A 276 -26.11 -3.79 -0.47
N ARG A 277 -25.32 -4.83 -0.22
CA ARG A 277 -25.82 -6.19 -0.38
C ARG A 277 -26.91 -6.50 0.65
N ALA A 278 -26.92 -5.80 1.78
CA ALA A 278 -27.97 -5.94 2.77
C ALA A 278 -29.36 -5.58 2.23
N CYS A 279 -29.43 -4.76 1.18
CA CYS A 279 -30.72 -4.28 0.67
C CYS A 279 -31.59 -5.43 0.19
N LEU A 280 -32.88 -5.34 0.55
CA LEU A 280 -33.85 -6.37 0.16
C LEU A 280 -34.12 -6.33 -1.34
N GLU A 281 -33.94 -5.15 -1.95
CA GLU A 281 -33.99 -5.06 -3.40
C GLU A 281 -32.90 -5.88 -4.06
N PHE A 282 -31.67 -5.85 -3.50
CA PHE A 282 -30.62 -6.68 -4.06
C PHE A 282 -30.87 -8.15 -3.82
N GLN A 283 -31.42 -8.51 -2.65
CA GLN A 283 -31.70 -9.92 -2.39
C GLN A 283 -32.74 -10.47 -3.36
N GLU A 284 -33.82 -9.69 -3.56
CA GLU A 284 -34.85 -10.07 -4.53
C GLU A 284 -34.28 -10.11 -5.94
N TYR A 285 -33.43 -9.15 -6.29
CA TYR A 285 -32.80 -9.10 -7.61
C TYR A 285 -31.93 -10.32 -7.85
N ARG A 286 -31.15 -10.72 -6.84
CA ARG A 286 -30.28 -11.88 -6.96
C ARG A 286 -31.08 -13.14 -7.23
N ILE A 287 -32.17 -13.34 -6.46
CA ILE A 287 -32.99 -14.53 -6.64
C ILE A 287 -33.65 -14.54 -8.02
N VAL A 288 -34.22 -13.40 -8.43
CA VAL A 288 -34.97 -13.34 -9.69
C VAL A 288 -34.04 -13.49 -10.88
N ALA A 289 -32.88 -12.84 -10.85
CA ALA A 289 -31.91 -12.95 -11.94
C ALA A 289 -31.36 -14.37 -12.07
N ALA A 290 -31.07 -15.01 -10.92
CA ALA A 290 -30.55 -16.38 -10.96
C ALA A 290 -31.59 -17.34 -11.51
N VAL A 291 -32.86 -17.14 -11.16
CA VAL A 291 -33.92 -17.99 -11.69
C VAL A 291 -34.12 -17.73 -13.18
N ALA A 292 -33.97 -16.47 -13.60
CA ALA A 292 -34.12 -16.12 -15.01
C ALA A 292 -33.00 -16.66 -15.88
N ASN A 293 -31.88 -17.07 -15.28
CA ASN A 293 -30.79 -17.63 -16.07
C ASN A 293 -30.77 -19.16 -16.08
N LEU A 294 -31.74 -19.83 -15.47
CA LEU A 294 -31.82 -21.28 -15.50
C LEU A 294 -32.54 -21.77 -16.75
N ARG A 295 -32.24 -23.01 -17.15
CA ARG A 295 -32.81 -23.58 -18.37
C ARG A 295 -33.36 -24.98 -18.12
N ILE A 296 -34.39 -25.34 -18.88
CA ILE A 296 -35.05 -26.65 -18.83
C ILE A 296 -34.76 -27.36 -20.14
N ARG A 297 -34.64 -28.69 -20.09
CA ARG A 297 -34.48 -29.48 -21.30
C ARG A 297 -35.73 -29.37 -22.19
N ASP A 298 -35.48 -29.17 -23.48
CA ASP A 298 -36.52 -29.03 -24.51
C ASP A 298 -35.94 -29.60 -25.80
N GLY A 299 -36.29 -30.85 -26.10
CA GLY A 299 -35.90 -31.50 -27.34
C GLY A 299 -34.40 -31.60 -27.52
N SER A 300 -33.71 -32.02 -26.46
CA SER A 300 -32.26 -32.16 -26.31
C SER A 300 -31.54 -30.82 -26.26
N GLY A 301 -32.25 -29.69 -26.33
CA GLY A 301 -31.68 -28.38 -26.13
C GLY A 301 -32.17 -27.76 -24.84
N SER A 302 -31.77 -26.51 -24.64
CA SER A 302 -32.17 -25.75 -23.46
C SER A 302 -33.21 -24.69 -23.83
N ARG A 303 -34.19 -24.49 -22.96
CA ARG A 303 -35.19 -23.46 -23.07
C ARG A 303 -35.26 -22.67 -21.77
N PRO A 304 -35.66 -21.40 -21.81
CA PRO A 304 -35.87 -20.66 -20.57
C PRO A 304 -37.09 -21.20 -19.82
N LEU A 305 -37.09 -21.00 -18.51
CA LEU A 305 -38.24 -21.37 -17.69
C LEU A 305 -39.45 -20.54 -18.07
N SER A 306 -40.63 -21.15 -17.98
CA SER A 306 -41.88 -20.43 -18.22
C SER A 306 -42.14 -19.47 -17.06
N LEU A 307 -43.13 -18.60 -17.24
CA LEU A 307 -43.47 -17.59 -16.24
C LEU A 307 -43.92 -18.23 -14.93
N GLU A 308 -44.72 -19.30 -15.03
CA GLU A 308 -45.22 -19.96 -13.82
C GLU A 308 -44.10 -20.71 -13.10
N GLU A 309 -43.20 -21.35 -13.86
CA GLU A 309 -42.03 -22.00 -13.28
C GLU A 309 -41.15 -20.99 -12.57
N ARG A 310 -40.94 -19.82 -13.20
CA ARG A 310 -40.11 -18.77 -12.60
C ARG A 310 -40.74 -18.27 -11.31
N ASN A 311 -42.05 -18.06 -11.29
CA ASN A 311 -42.71 -17.57 -10.08
C ASN A 311 -42.68 -18.62 -8.97
N ALA A 312 -42.84 -19.90 -9.32
CA ALA A 312 -42.80 -20.96 -8.31
C ALA A 312 -41.40 -21.07 -7.68
N VAL A 313 -40.35 -21.09 -8.52
CA VAL A 313 -38.99 -21.19 -7.99
C VAL A 313 -38.62 -19.94 -7.21
N ILE A 314 -39.05 -18.76 -7.68
CA ILE A 314 -38.71 -17.51 -7.01
C ILE A 314 -39.41 -17.40 -5.66
N GLU A 315 -40.67 -17.84 -5.58
CA GLU A 315 -41.38 -17.81 -4.30
C GLU A 315 -40.81 -18.82 -3.34
N ALA A 316 -40.38 -19.99 -3.84
CA ALA A 316 -39.72 -20.96 -2.97
C ALA A 316 -38.37 -20.44 -2.47
N LEU A 317 -37.66 -19.66 -3.29
CA LEU A 317 -36.37 -19.14 -2.89
C LEU A 317 -36.50 -17.97 -1.92
N LEU A 318 -37.47 -17.10 -2.13
CA LEU A 318 -37.67 -15.96 -1.24
C LEU A 318 -38.26 -16.40 0.08
N ALA A 319 -39.19 -17.36 0.05
CA ALA A 319 -39.79 -17.89 1.27
C ALA A 319 -38.85 -18.93 1.88
N GLN A 320 -37.82 -18.43 2.56
CA GLN A 320 -36.78 -19.24 3.17
C GLN A 320 -36.19 -18.52 4.36
N THR A 321 -36.01 -19.28 5.45
CA THR A 321 -35.32 -18.81 6.64
C THR A 321 -33.88 -19.33 6.71
N GLU A 322 -33.61 -20.48 6.10
CA GLU A 322 -32.29 -21.08 6.04
C GLU A 322 -32.02 -21.53 4.62
N ARG A 323 -30.74 -21.54 4.23
CA ARG A 323 -30.34 -21.95 2.89
C ARG A 323 -30.40 -23.45 2.81
N SER A 324 -31.57 -23.98 2.46
CA SER A 324 -31.79 -25.42 2.41
C SER A 324 -32.25 -25.93 1.06
N LEU A 325 -32.54 -25.05 0.11
CA LEU A 325 -32.94 -25.48 -1.23
C LEU A 325 -31.69 -25.62 -2.09
N THR A 326 -31.36 -26.84 -2.47
CA THR A 326 -30.30 -27.06 -3.44
C THR A 326 -30.88 -26.95 -4.84
N TRP A 327 -29.98 -26.99 -5.83
CA TRP A 327 -30.43 -26.97 -7.22
C TRP A 327 -31.13 -28.27 -7.58
N SER A 328 -30.70 -29.39 -6.98
CA SER A 328 -31.41 -30.65 -7.15
C SER A 328 -32.80 -30.60 -6.52
N ASP A 329 -32.93 -29.94 -5.36
CA ASP A 329 -34.25 -29.79 -4.74
C ASP A 329 -35.16 -28.93 -5.60
N ILE A 330 -34.60 -27.87 -6.18
CA ILE A 330 -35.35 -26.98 -7.08
C ILE A 330 -35.80 -27.75 -8.32
N ALA A 331 -34.93 -28.59 -8.86
CA ALA A 331 -35.29 -29.40 -10.03
C ALA A 331 -36.34 -30.44 -9.70
N LEU A 332 -36.25 -31.07 -8.52
CA LEU A 332 -37.06 -32.25 -8.26
C LEU A 332 -38.42 -31.93 -7.65
N GLU A 333 -38.46 -31.25 -6.50
CA GLU A 333 -39.79 -31.00 -5.92
C GLU A 333 -40.40 -29.66 -6.29
N ILE A 334 -39.60 -28.68 -6.71
CA ILE A 334 -40.18 -27.39 -7.10
C ILE A 334 -40.56 -27.37 -8.57
N LEU A 335 -39.63 -27.75 -9.44
CA LEU A 335 -39.89 -27.75 -10.88
C LEU A 335 -40.57 -29.02 -11.39
N LYS A 336 -40.61 -30.08 -10.59
CA LYS A 336 -41.17 -31.39 -10.96
C LYS A 336 -40.56 -31.95 -12.24
N LEU A 337 -39.26 -31.73 -12.40
CA LEU A 337 -38.56 -32.32 -13.53
C LEU A 337 -38.39 -33.82 -13.31
N PRO A 338 -38.53 -34.63 -14.37
CA PRO A 338 -38.40 -36.09 -14.20
C PRO A 338 -37.03 -36.53 -13.74
N ASN A 339 -35.97 -35.80 -14.09
CA ASN A 339 -34.62 -36.11 -13.69
C ASN A 339 -33.94 -34.86 -13.16
N GLU A 340 -32.93 -35.07 -12.31
CA GLU A 340 -32.18 -33.96 -11.72
C GLU A 340 -31.37 -33.23 -12.79
N SER A 341 -30.82 -33.97 -13.76
CA SER A 341 -30.02 -33.38 -14.82
C SER A 341 -30.84 -32.64 -15.86
N ASP A 342 -32.18 -32.71 -15.78
CA ASP A 342 -33.03 -31.96 -16.71
C ASP A 342 -32.88 -30.46 -16.50
N LEU A 343 -32.56 -30.03 -15.29
CA LEU A 343 -32.28 -28.63 -14.99
C LEU A 343 -30.88 -28.30 -15.47
N THR A 344 -30.78 -27.59 -16.57
CA THR A 344 -29.49 -27.16 -17.10
C THR A 344 -29.30 -25.69 -16.79
N SER A 345 -28.09 -25.21 -17.11
CA SER A 345 -27.63 -23.84 -16.84
C SER A 345 -27.68 -23.52 -15.34
N VAL A 346 -27.28 -24.49 -14.52
CA VAL A 346 -27.09 -24.23 -13.10
C VAL A 346 -25.84 -23.36 -12.92
N PRO A 347 -25.92 -22.23 -12.18
CA PRO A 347 -24.80 -21.29 -12.08
C PRO A 347 -23.71 -21.70 -11.09
N GLU A 348 -23.29 -22.96 -11.15
CA GLU A 348 -22.27 -23.49 -10.27
C GLU A 348 -21.24 -24.25 -11.09
N GLU A 349 -20.03 -24.31 -10.56
CA GLU A 349 -18.96 -25.05 -11.21
C GLU A 349 -19.23 -26.55 -11.13
N ASP A 350 -19.14 -27.22 -12.27
CA ASP A 350 -19.41 -28.65 -12.35
C ASP A 350 -18.38 -29.46 -11.57
N GLY A 351 -18.87 -30.43 -10.80
CA GLY A 351 -17.99 -31.28 -10.02
C GLY A 351 -18.48 -32.70 -9.95
N PRO A 352 -17.68 -33.58 -9.34
CA PRO A 352 -18.09 -34.97 -9.18
C PRO A 352 -19.15 -35.12 -8.10
N SER A 353 -19.84 -36.28 -8.15
CA SER A 353 -20.90 -36.65 -7.21
C SER A 353 -22.05 -35.64 -7.19
N SER A 354 -22.34 -35.04 -8.34
CA SER A 354 -23.42 -34.07 -8.56
C SER A 354 -23.33 -32.89 -7.60
N LEU A 355 -22.15 -32.25 -7.58
CA LEU A 355 -21.92 -31.15 -6.65
C LEU A 355 -22.71 -29.91 -7.05
N ALA A 356 -22.84 -29.66 -8.36
CA ALA A 356 -23.55 -28.48 -8.85
C ALA A 356 -25.02 -28.55 -8.48
N TYR A 357 -25.60 -29.75 -8.50
CA TYR A 357 -26.95 -29.90 -8.00
C TYR A 357 -27.00 -30.02 -6.49
N SER A 358 -25.87 -30.26 -5.83
CA SER A 358 -25.83 -30.23 -4.38
C SER A 358 -25.60 -28.84 -3.81
N GLN A 359 -25.29 -27.84 -4.65
CA GLN A 359 -25.05 -26.51 -4.11
C GLN A 359 -26.35 -25.76 -3.88
N PHE A 360 -26.32 -24.88 -2.89
CA PHE A 360 -27.49 -24.13 -2.46
C PHE A 360 -27.77 -22.94 -3.37
N ALA A 361 -29.05 -22.73 -3.67
CA ALA A 361 -29.55 -21.54 -4.35
C ALA A 361 -29.61 -20.34 -3.39
N PRO A 362 -29.62 -19.11 -3.90
CA PRO A 362 -29.66 -17.93 -3.03
C PRO A 362 -30.98 -17.78 -2.27
N PHE A 363 -30.94 -16.94 -1.22
CA PHE A 363 -32.14 -16.69 -0.44
C PHE A 363 -32.07 -15.23 0.03
N ASP A 364 -33.18 -14.76 0.60
CA ASP A 364 -33.20 -13.43 1.19
C ASP A 364 -32.41 -13.45 2.50
N GLU A 365 -31.13 -13.11 2.41
CA GLU A 365 -30.22 -13.24 3.54
C GLU A 365 -30.54 -12.21 4.62
N THR A 366 -30.86 -10.99 4.24
CA THR A 366 -31.18 -9.94 5.21
C THR A 366 -32.45 -10.26 5.98
N SER A 367 -33.48 -10.74 5.28
CA SER A 367 -34.72 -11.12 5.95
C SER A 367 -34.49 -12.31 6.88
N ALA A 368 -33.65 -13.25 6.47
CA ALA A 368 -33.34 -14.38 7.36
C ALA A 368 -32.61 -13.93 8.62
N ARG A 369 -31.63 -13.03 8.47
CA ARG A 369 -30.90 -12.52 9.64
C ARG A 369 -31.80 -11.70 10.55
N ILE A 370 -32.68 -10.88 9.97
CA ILE A 370 -33.59 -10.05 10.78
C ILE A 370 -34.62 -10.92 11.50
N ALA A 371 -35.14 -11.95 10.82
CA ALA A 371 -36.10 -12.86 11.45
C ALA A 371 -35.44 -13.66 12.56
N GLU A 372 -34.20 -14.10 12.34
CA GLU A 372 -33.44 -14.80 13.39
C GLU A 372 -33.21 -13.88 14.58
N PHE A 373 -32.82 -12.63 14.33
CA PHE A 373 -32.57 -11.66 15.38
C PHE A 373 -33.85 -11.34 16.16
N ILE A 374 -34.99 -11.30 15.47
CA ILE A 374 -36.27 -11.03 16.12
C ILE A 374 -36.69 -12.21 16.99
N ALA A 375 -36.57 -13.44 16.46
CA ALA A 375 -36.99 -14.61 17.21
C ALA A 375 -36.06 -14.90 18.38
N LYS A 376 -34.78 -14.56 18.25
CA LYS A 376 -33.85 -14.71 19.36
C LYS A 376 -34.06 -13.62 20.40
N ASN A 377 -34.31 -12.38 19.97
CA ASN A 377 -34.38 -11.27 20.90
C ASN A 377 -35.74 -10.60 20.92
N ARG A 378 -36.82 -11.37 21.03
CA ARG A 378 -38.16 -10.77 21.13
C ARG A 378 -38.37 -10.01 22.42
N ARG A 379 -37.61 -10.33 23.47
CA ARG A 379 -37.67 -9.54 24.71
C ARG A 379 -37.15 -8.13 24.46
N LYS A 380 -36.02 -8.01 23.75
CA LYS A 380 -35.40 -6.72 23.54
C LYS A 380 -36.14 -5.87 22.49
N ILE A 381 -36.75 -6.49 21.49
CA ILE A 381 -37.44 -5.73 20.44
C ILE A 381 -38.87 -6.21 20.16
N PRO A 382 -39.80 -6.08 21.11
CA PRO A 382 -41.18 -6.49 20.78
C PRO A 382 -41.91 -5.50 19.89
N THR A 383 -41.67 -4.19 20.08
CA THR A 383 -42.23 -3.18 19.20
C THR A 383 -41.71 -3.34 17.78
N PHE A 384 -40.40 -3.61 17.64
CA PHE A 384 -39.85 -3.84 16.32
C PHE A 384 -40.34 -5.14 15.71
N ALA A 385 -40.55 -6.18 16.51
CA ALA A 385 -41.10 -7.43 15.98
C ALA A 385 -42.50 -7.20 15.42
N GLN A 386 -43.32 -6.45 16.15
CA GLN A 386 -44.67 -6.13 15.68
C GLN A 386 -44.64 -5.27 14.43
N TRP A 387 -43.74 -4.27 14.39
CA TRP A 387 -43.65 -3.38 13.23
C TRP A 387 -43.16 -4.13 12.01
N TRP A 388 -42.21 -5.07 12.20
CA TRP A 388 -41.67 -5.86 11.10
C TRP A 388 -42.73 -6.81 10.56
N GLN A 389 -43.55 -7.39 11.43
CA GLN A 389 -44.66 -8.20 10.93
C GLN A 389 -45.77 -7.33 10.35
N GLU A 390 -45.82 -6.04 10.67
CA GLU A 390 -46.86 -5.16 10.15
C GLU A 390 -46.54 -4.65 8.75
N GLN A 391 -45.35 -4.10 8.56
CA GLN A 391 -45.09 -3.32 7.35
C GLN A 391 -44.77 -4.22 6.16
N ASP A 392 -44.76 -3.61 4.97
CA ASP A 392 -44.58 -4.33 3.72
C ASP A 392 -43.12 -4.27 3.28
N ARG A 393 -42.85 -4.87 2.12
CA ARG A 393 -41.48 -5.04 1.61
C ARG A 393 -40.82 -3.69 1.31
N THR A 394 -41.60 -2.69 0.90
CA THR A 394 -41.02 -1.39 0.56
C THR A 394 -40.57 -0.64 1.82
N SER A 395 -41.41 -0.64 2.86
CA SER A 395 -41.04 0.00 4.12
C SER A 395 -39.90 -0.75 4.80
N ARG A 396 -39.91 -2.08 4.73
CA ARG A 396 -38.79 -2.88 5.22
C ARG A 396 -37.51 -2.55 4.46
N SER A 397 -37.62 -2.34 3.15
CA SER A 397 -36.46 -2.00 2.33
C SER A 397 -35.88 -0.64 2.72
N ASP A 398 -36.75 0.34 2.98
CA ASP A 398 -36.28 1.66 3.38
C ASP A 398 -35.60 1.60 4.75
N LEU A 399 -36.18 0.84 5.69
CA LEU A 399 -35.57 0.65 7.00
C LEU A 399 -34.22 -0.06 6.89
N VAL A 400 -34.14 -1.11 6.08
CA VAL A 400 -32.91 -1.88 5.92
C VAL A 400 -31.83 -1.03 5.26
N ALA A 401 -32.23 -0.18 4.31
CA ALA A 401 -31.28 0.73 3.69
C ALA A 401 -30.74 1.74 4.69
N ALA A 402 -31.61 2.27 5.56
CA ALA A 402 -31.13 3.19 6.59
C ALA A 402 -30.19 2.49 7.56
N LEU A 403 -30.51 1.24 7.93
CA LEU A 403 -29.67 0.45 8.83
C LEU A 403 -28.33 0.11 8.21
N ALA A 404 -28.29 -0.15 6.90
CA ALA A 404 -27.04 -0.50 6.24
C ALA A 404 -26.22 0.72 5.85
N ASP A 405 -26.86 1.88 5.73
CA ASP A 405 -26.17 3.11 5.36
C ASP A 405 -25.92 4.04 6.54
N ASN A 406 -26.26 3.61 7.77
CA ASN A 406 -25.92 4.40 8.96
C ASN A 406 -24.42 4.54 9.16
N SER A 407 -23.62 3.61 8.62
CA SER A 407 -22.17 3.65 8.71
C SER A 407 -21.55 4.71 7.80
N ILE A 408 -22.33 5.32 6.93
CA ILE A 408 -21.82 6.39 6.07
C ILE A 408 -21.53 7.63 6.90
N ALA A 409 -20.33 8.20 6.70
CA ALA A 409 -19.98 9.47 7.34
C ALA A 409 -20.90 10.59 6.91
N GLY A 410 -21.09 10.76 5.60
CA GLY A 410 -21.98 11.75 5.07
C GLY A 410 -22.32 11.51 3.60
N LEU A 416 -34.94 7.39 11.17
CA LEU A 416 -35.28 5.99 10.89
C LEU A 416 -36.77 5.83 10.60
N LEU A 417 -37.50 6.96 10.65
CA LEU A 417 -38.94 7.09 10.37
C LEU A 417 -39.83 6.32 11.34
N VAL A 418 -39.25 5.71 12.37
CA VAL A 418 -39.95 4.93 13.37
C VAL A 418 -39.52 5.44 14.74
N HIS A 419 -40.50 5.73 15.61
CA HIS A 419 -40.21 6.21 16.97
C HIS A 419 -40.05 5.02 17.91
N LEU A 420 -38.99 4.26 17.66
CA LEU A 420 -38.65 3.06 18.40
C LEU A 420 -38.05 3.43 19.76
N PRO A 421 -38.21 2.57 20.76
CA PRO A 421 -37.50 2.77 22.03
C PRO A 421 -36.00 2.67 21.85
N ASP A 422 -35.26 3.38 22.72
CA ASP A 422 -33.81 3.53 22.54
C ASP A 422 -33.07 2.21 22.75
N ALA A 423 -33.57 1.34 23.64
CA ALA A 423 -32.99 0.02 23.80
C ALA A 423 -33.15 -0.81 22.53
N GLU A 424 -34.33 -0.72 21.91
CA GLU A 424 -34.58 -1.42 20.65
C GLU A 424 -33.72 -0.87 19.53
N LEU A 425 -33.54 0.46 19.50
CA LEU A 425 -32.69 1.08 18.49
C LEU A 425 -31.24 0.63 18.64
N GLU A 426 -30.80 0.50 19.89
CA GLU A 426 -29.46 -0.02 20.17
C GLU A 426 -29.34 -1.47 19.71
N ALA A 427 -30.38 -2.28 19.94
CA ALA A 427 -30.36 -3.67 19.48
C ALA A 427 -30.28 -3.77 17.96
N LEU A 428 -31.06 -2.95 17.24
CA LEU A 428 -31.00 -2.97 15.77
C LEU A 428 -29.67 -2.42 15.24
N GLU A 429 -29.09 -1.41 15.89
CA GLU A 429 -27.77 -0.96 15.46
C GLU A 429 -26.71 -2.02 15.76
N GLY A 430 -26.94 -2.86 16.77
CA GLY A 430 -26.10 -4.03 16.97
C GLY A 430 -26.35 -5.15 15.99
N LEU A 431 -27.52 -5.17 15.33
CA LEU A 431 -27.82 -6.23 14.36
C LEU A 431 -26.91 -6.10 13.15
N ALA A 432 -26.33 -7.22 12.74
CA ALA A 432 -25.36 -7.26 11.66
C ALA A 432 -26.02 -7.72 10.36
N LEU A 433 -25.78 -6.98 9.30
CA LEU A 433 -26.36 -7.20 7.98
C LEU A 433 -25.23 -7.51 7.00
N PRO A 434 -25.54 -8.18 5.88
CA PRO A 434 -24.50 -8.44 4.86
C PRO A 434 -23.91 -7.15 4.31
N SER A 435 -22.59 -7.09 4.25
CA SER A 435 -21.90 -5.89 3.81
C SER A 435 -21.47 -6.03 2.35
N GLY A 436 -20.89 -4.97 1.84
CA GLY A 436 -20.44 -4.95 0.46
C GLY A 436 -21.43 -4.23 -0.43
N ARG A 437 -20.89 -3.55 -1.43
CA ARG A 437 -21.71 -2.84 -2.40
C ARG A 437 -21.90 -3.68 -3.65
N VAL A 438 -23.10 -3.62 -4.21
CA VAL A 438 -23.44 -4.34 -5.40
C VAL A 438 -23.45 -3.35 -6.55
N ALA A 439 -23.58 -3.86 -7.78
CA ALA A 439 -23.36 -3.06 -8.98
C ALA A 439 -24.38 -1.94 -9.16
N TYR A 440 -25.61 -2.15 -8.74
CA TYR A 440 -26.69 -1.21 -9.04
C TYR A 440 -27.17 -0.52 -7.77
N SER A 441 -27.84 0.61 -7.98
CA SER A 441 -28.48 1.33 -6.90
C SER A 441 -29.77 0.64 -6.48
N ARG A 442 -30.29 1.07 -5.34
CA ARG A 442 -31.52 0.48 -4.79
C ARG A 442 -32.71 0.69 -5.71
N LEU A 443 -32.82 1.89 -6.29
CA LEU A 443 -33.89 2.21 -7.22
C LEU A 443 -33.77 1.36 -8.49
N THR A 444 -32.54 1.22 -9.00
CA THR A 444 -32.30 0.39 -10.18
C THR A 444 -32.66 -1.06 -9.92
N LEU A 445 -32.29 -1.59 -8.75
CA LEU A 445 -32.60 -2.98 -8.42
C LEU A 445 -34.09 -3.20 -8.31
N SER A 446 -34.81 -2.25 -7.69
CA SER A 446 -36.26 -2.36 -7.56
C SER A 446 -36.94 -2.33 -8.93
N GLY A 447 -36.51 -1.41 -9.80
CA GLY A 447 -37.08 -1.34 -11.14
C GLY A 447 -36.77 -2.56 -12.00
N LEU A 448 -35.52 -3.03 -11.96
CA LEU A 448 -35.12 -4.20 -12.76
C LEU A 448 -35.85 -5.45 -12.30
N THR A 449 -35.95 -5.65 -10.98
CA THR A 449 -36.66 -6.79 -10.43
C THR A 449 -38.15 -6.72 -10.78
N ARG A 450 -38.71 -5.50 -10.79
CA ARG A 450 -40.11 -5.33 -11.18
C ARG A 450 -40.31 -5.75 -12.63
N VAL A 451 -39.39 -5.36 -13.52
CA VAL A 451 -39.52 -5.72 -14.93
C VAL A 451 -39.39 -7.24 -15.12
N MET A 452 -38.42 -7.87 -14.44
CA MET A 452 -38.25 -9.32 -14.62
C MET A 452 -39.42 -10.11 -14.06
N ARG A 453 -39.97 -9.68 -12.91
CA ARG A 453 -41.08 -10.42 -12.32
C ARG A 453 -42.38 -10.19 -13.09
N ASP A 454 -42.52 -9.03 -13.75
CA ASP A 454 -43.72 -8.79 -14.52
C ASP A 454 -43.63 -9.44 -15.90
N ASP A 455 -42.64 -9.03 -16.71
CA ASP A 455 -42.54 -9.49 -18.08
C ASP A 455 -41.95 -10.90 -18.21
N GLY A 456 -41.27 -11.42 -17.19
CA GLY A 456 -40.60 -12.70 -17.33
C GLY A 456 -39.27 -12.66 -18.04
N VAL A 457 -38.71 -11.46 -18.23
CA VAL A 457 -37.45 -11.27 -18.95
C VAL A 457 -36.27 -11.49 -18.02
N ASP A 458 -35.06 -11.55 -18.59
CA ASP A 458 -33.84 -11.62 -17.80
C ASP A 458 -33.31 -10.21 -17.53
N VAL A 459 -32.08 -10.13 -17.01
CA VAL A 459 -31.47 -8.86 -16.62
C VAL A 459 -31.22 -7.97 -17.82
N HIS A 460 -30.77 -8.55 -18.94
CA HIS A 460 -30.43 -7.76 -20.12
C HIS A 460 -31.65 -7.08 -20.72
N ASN A 461 -32.72 -7.85 -20.92
CA ASN A 461 -33.96 -7.29 -21.46
C ASN A 461 -34.63 -6.36 -20.47
N ALA A 462 -34.51 -6.67 -19.16
CA ALA A 462 -35.07 -5.79 -18.15
C ALA A 462 -34.35 -4.45 -18.12
N ARG A 463 -33.03 -4.47 -18.34
CA ARG A 463 -32.27 -3.23 -18.42
C ARG A 463 -32.68 -2.43 -19.63
N LYS A 464 -32.88 -3.11 -20.77
CA LYS A 464 -33.31 -2.43 -21.99
C LYS A 464 -34.68 -1.79 -21.81
N THR A 465 -35.59 -2.48 -21.14
CA THR A 465 -36.95 -1.95 -20.95
C THR A 465 -36.97 -0.83 -19.92
N CYS A 466 -36.35 -1.06 -18.76
CA CYS A 466 -36.43 -0.11 -17.65
C CYS A 466 -35.63 1.15 -17.91
N PHE A 467 -34.55 1.08 -18.67
CA PHE A 467 -33.72 2.26 -18.89
C PHE A 467 -33.66 2.73 -20.33
N GLY A 468 -34.40 2.10 -21.23
CA GLY A 468 -34.48 2.58 -22.61
C GLY A 468 -33.17 2.50 -23.36
N VAL A 469 -32.44 1.40 -23.20
CA VAL A 469 -31.15 1.22 -23.86
C VAL A 469 -31.26 0.06 -24.84
N ASP A 470 -30.29 -0.02 -25.73
CA ASP A 470 -30.25 -1.03 -26.77
C ASP A 470 -29.20 -2.08 -26.44
N ASP A 471 -29.03 -3.03 -27.38
CA ASP A 471 -28.11 -4.15 -27.20
C ASP A 471 -26.66 -3.73 -27.20
N ASN A 472 -26.35 -2.51 -27.62
CA ASN A 472 -24.99 -2.00 -27.66
C ASN A 472 -24.66 -1.16 -26.42
N TRP A 473 -25.53 -1.15 -25.42
CA TRP A 473 -25.30 -0.29 -24.26
C TRP A 473 -24.14 -0.82 -23.42
N ARG A 474 -23.28 0.10 -23.00
CA ARG A 474 -22.22 -0.18 -22.05
C ARG A 474 -22.27 0.87 -20.96
N PRO A 475 -21.81 0.54 -19.74
CA PRO A 475 -21.76 1.54 -18.68
C PRO A 475 -20.82 2.67 -19.05
N PRO A 476 -21.08 3.89 -18.56
CA PRO A 476 -20.20 5.02 -18.86
C PRO A 476 -18.80 4.81 -18.30
N LEU A 477 -17.82 5.26 -19.06
CA LEU A 477 -16.43 5.05 -18.72
C LEU A 477 -15.79 6.33 -18.22
N PRO A 478 -14.82 6.26 -17.33
CA PRO A 478 -14.13 7.47 -16.88
C PRO A 478 -13.27 8.08 -17.99
N ALA A 479 -13.04 9.37 -17.87
CA ALA A 479 -12.22 10.11 -18.83
C ALA A 479 -10.76 10.07 -18.41
N LEU A 480 -9.89 10.54 -19.31
CA LEU A 480 -8.44 10.48 -19.07
C LEU A 480 -8.01 11.39 -17.93
N HIS A 481 -8.74 12.47 -17.69
CA HIS A 481 -8.32 13.46 -16.71
C HIS A 481 -8.62 13.04 -15.27
N GLU A 482 -9.46 12.03 -15.05
CA GLU A 482 -9.92 11.68 -13.72
C GLU A 482 -9.25 10.40 -13.23
N ALA A 483 -8.75 10.46 -12.01
CA ALA A 483 -7.92 9.41 -11.43
C ALA A 483 -8.76 8.33 -10.77
N THR A 484 -8.08 7.28 -10.32
CA THR A 484 -8.73 6.17 -9.61
C THR A 484 -8.53 6.23 -8.11
N GLY A 485 -7.50 6.92 -7.63
CA GLY A 485 -7.09 6.82 -6.26
C GLY A 485 -6.16 5.66 -5.97
N HIS A 486 -5.87 4.83 -6.94
CA HIS A 486 -4.90 3.74 -6.86
C HIS A 486 -3.55 4.26 -7.34
N PRO A 487 -2.49 4.14 -6.53
CA PRO A 487 -1.23 4.84 -6.86
C PRO A 487 -0.52 4.34 -8.12
N VAL A 488 -0.43 3.03 -8.33
CA VAL A 488 0.20 2.47 -9.53
C VAL A 488 -0.60 2.86 -10.78
N VAL A 489 -1.93 2.70 -10.70
CA VAL A 489 -2.81 3.05 -11.81
C VAL A 489 -2.71 4.53 -12.14
N ASP A 490 -2.61 5.37 -11.12
CA ASP A 490 -2.54 6.81 -11.32
C ASP A 490 -1.22 7.22 -11.96
N ARG A 491 -0.12 6.56 -11.57
CA ARG A 491 1.17 6.82 -12.23
C ARG A 491 1.10 6.47 -13.72
N ASN A 492 0.58 5.28 -14.02
CA ASN A 492 0.43 4.85 -15.41
C ASN A 492 -0.47 5.78 -16.20
N LEU A 493 -1.57 6.21 -15.59
CA LEU A 493 -2.54 7.09 -16.24
C LEU A 493 -1.96 8.46 -16.53
N ALA A 494 -1.22 9.03 -15.56
CA ALA A 494 -0.61 10.35 -15.76
C ALA A 494 0.39 10.31 -16.91
N ILE A 495 1.23 9.27 -16.94
CA ILE A 495 2.21 9.15 -18.02
C ILE A 495 1.52 8.95 -19.37
N LEU A 496 0.51 8.07 -19.43
CA LEU A 496 -0.19 7.79 -20.67
C LEU A 496 -0.90 9.02 -21.21
N ARG A 497 -1.53 9.79 -20.32
CA ARG A 497 -2.29 10.94 -20.79
C ARG A 497 -1.37 12.07 -21.25
N LYS A 498 -0.20 12.23 -20.63
CA LYS A 498 0.78 13.18 -21.17
C LYS A 498 1.27 12.73 -22.54
N PHE A 499 1.59 11.44 -22.69
CA PHE A 499 2.04 10.88 -23.97
C PHE A 499 0.99 11.09 -25.05
N LEU A 500 -0.26 10.80 -24.72
CA LEU A 500 -1.33 10.87 -25.71
C LEU A 500 -1.64 12.30 -26.10
N SER A 501 -1.61 13.23 -25.14
CA SER A 501 -1.80 14.65 -25.46
C SER A 501 -0.71 15.16 -26.39
N SER A 502 0.55 14.82 -26.08
CA SER A 502 1.67 15.25 -26.92
C SER A 502 1.62 14.60 -28.31
N ALA A 503 1.31 13.30 -28.36
CA ALA A 503 1.25 12.60 -29.64
C ALA A 503 0.05 13.04 -30.46
N THR A 504 -1.04 13.46 -29.82
CA THR A 504 -2.18 13.95 -30.56
C THR A 504 -1.92 15.34 -31.12
N MET A 505 -1.24 16.20 -30.38
CA MET A 505 -0.89 17.48 -30.98
C MET A 505 0.27 17.39 -31.96
N ARG A 506 1.01 16.28 -31.96
CA ARG A 506 2.03 16.09 -32.98
C ARG A 506 1.50 15.46 -34.27
N TRP A 507 0.72 14.37 -34.15
CA TRP A 507 0.34 13.58 -35.31
C TRP A 507 -1.17 13.34 -35.43
N GLY A 508 -2.00 14.07 -34.69
CA GLY A 508 -3.41 13.82 -34.69
C GLY A 508 -3.78 12.65 -33.80
N PRO A 509 -5.05 12.29 -33.76
CA PRO A 509 -5.45 11.13 -32.96
C PRO A 509 -4.94 9.85 -33.59
N PRO A 510 -4.69 8.80 -32.80
CA PRO A 510 -4.28 7.52 -33.38
C PRO A 510 -5.41 6.88 -34.16
N GLN A 511 -5.03 6.11 -35.18
CA GLN A 511 -6.01 5.31 -35.91
C GLN A 511 -6.60 4.23 -35.02
N SER A 512 -5.75 3.58 -34.22
CA SER A 512 -6.20 2.56 -33.29
C SER A 512 -5.30 2.61 -32.06
N ILE A 513 -5.82 2.05 -30.97
CA ILE A 513 -5.11 2.00 -29.70
C ILE A 513 -5.03 0.54 -29.28
N VAL A 514 -3.86 0.10 -28.83
CA VAL A 514 -3.66 -1.27 -28.40
C VAL A 514 -3.20 -1.26 -26.94
N VAL A 515 -3.89 -2.03 -26.10
CA VAL A 515 -3.59 -2.12 -24.67
C VAL A 515 -3.35 -3.59 -24.32
N GLU A 516 -2.28 -3.86 -23.60
CA GLU A 516 -1.99 -5.18 -23.10
C GLU A 516 -2.58 -5.38 -21.71
N LEU A 517 -3.31 -6.47 -21.54
CA LEU A 517 -3.98 -6.79 -20.29
C LEU A 517 -3.23 -7.88 -19.55
N ALA A 518 -3.19 -7.77 -18.22
CA ALA A 518 -2.46 -8.73 -17.39
C ALA A 518 -3.31 -9.96 -17.13
N ARG A 519 -3.59 -10.68 -18.21
CA ARG A 519 -4.35 -11.93 -18.18
C ARG A 519 -3.57 -13.00 -18.92
N GLY A 520 -3.77 -14.25 -18.50
CA GLY A 520 -3.08 -15.37 -19.12
C GLY A 520 -3.93 -16.62 -19.21
N ALA A 521 -3.96 -17.24 -20.39
CA ALA A 521 -4.78 -18.42 -20.62
C ALA A 521 -4.00 -19.66 -21.07
N SER A 522 -2.70 -19.54 -21.32
CA SER A 522 -1.92 -20.65 -21.86
C SER A 522 -1.54 -21.59 -20.72
N GLU A 523 -2.52 -22.43 -20.33
CA GLU A 523 -2.38 -23.35 -19.21
C GLU A 523 -2.83 -24.74 -19.62
N SER A 524 -2.22 -25.75 -18.99
CA SER A 524 -2.51 -27.13 -19.32
C SER A 524 -3.82 -27.60 -18.69
N ARG A 525 -4.32 -28.73 -19.19
CA ARG A 525 -5.54 -29.33 -18.64
C ARG A 525 -5.34 -29.84 -17.22
N GLU A 526 -4.13 -30.34 -16.90
CA GLU A 526 -3.86 -30.78 -15.53
C GLU A 526 -3.77 -29.59 -14.58
N ARG A 527 -3.19 -28.48 -15.05
CA ARG A 527 -3.17 -27.24 -14.27
C ARG A 527 -4.59 -26.75 -14.01
N GLN A 528 -5.44 -26.81 -15.04
CA GLN A 528 -6.83 -26.40 -14.90
C GLN A 528 -7.58 -27.30 -13.91
N ALA A 529 -7.32 -28.61 -13.98
CA ALA A 529 -7.99 -29.55 -13.09
C ALA A 529 -7.57 -29.35 -11.64
N GLU A 530 -6.27 -29.12 -11.39
CA GLU A 530 -5.84 -28.97 -10.01
C GLU A 530 -6.30 -27.64 -9.43
N GLU A 531 -6.33 -26.58 -10.26
CA GLU A 531 -6.89 -25.31 -9.78
C GLU A 531 -8.39 -25.40 -9.54
N GLU A 532 -9.10 -26.21 -10.34
CA GLU A 532 -10.51 -26.45 -10.08
C GLU A 532 -10.73 -27.18 -8.77
N ALA A 533 -9.92 -28.21 -8.50
CA ALA A 533 -10.02 -28.94 -7.24
C ALA A 533 -9.61 -28.07 -6.06
N ALA A 534 -8.64 -27.16 -6.25
CA ALA A 534 -8.28 -26.22 -5.21
C ALA A 534 -9.43 -25.27 -4.90
N ARG A 535 -10.11 -24.76 -5.94
CA ARG A 535 -11.28 -23.90 -5.73
C ARG A 535 -12.39 -24.63 -5.01
N ARG A 536 -12.60 -25.90 -5.37
CA ARG A 536 -13.63 -26.73 -4.76
C ARG A 536 -13.35 -26.95 -3.27
N ALA A 537 -12.10 -27.29 -2.93
CA ALA A 537 -11.71 -27.49 -1.54
C ALA A 537 -11.78 -26.20 -0.75
N HIS A 538 -11.40 -25.07 -1.37
CA HIS A 538 -11.52 -23.76 -0.73
C HIS A 538 -12.97 -23.45 -0.39
N ARG A 539 -13.88 -23.69 -1.34
CA ARG A 539 -15.29 -23.39 -1.11
C ARG A 539 -15.88 -24.27 -0.02
N LYS A 540 -15.56 -25.57 -0.04
CA LYS A 540 -16.09 -26.48 0.98
C LYS A 540 -15.59 -26.11 2.37
N ALA A 541 -14.28 -25.83 2.49
CA ALA A 541 -13.70 -25.48 3.78
C ALA A 541 -14.22 -24.13 4.28
N ASN A 542 -14.37 -23.15 3.37
CA ASN A 542 -14.86 -21.85 3.78
C ASN A 542 -16.31 -21.89 4.18
N ASP A 543 -17.13 -22.71 3.50
CA ASP A 543 -18.52 -22.86 3.90
C ASP A 543 -18.63 -23.52 5.27
N ARG A 544 -17.81 -24.55 5.53
CA ARG A 544 -17.83 -25.20 6.83
C ARG A 544 -17.39 -24.24 7.94
N ILE A 545 -16.24 -23.59 7.74
CA ILE A 545 -15.68 -22.67 8.73
C ILE A 545 -16.59 -21.46 8.95
N ARG A 546 -17.27 -21.03 7.88
CA ARG A 546 -18.30 -19.99 8.01
C ARG A 546 -19.43 -20.47 8.91
N ALA A 547 -19.82 -21.74 8.79
CA ALA A 547 -20.90 -22.28 9.62
C ALA A 547 -20.49 -22.35 11.10
N GLU A 548 -19.29 -22.87 11.42
CA GLU A 548 -18.91 -22.85 12.84
C GLU A 548 -18.63 -21.45 13.36
N LEU A 549 -18.17 -20.51 12.52
CA LEU A 549 -17.95 -19.16 13.04
C LEU A 549 -19.27 -18.43 13.25
N ARG A 550 -20.28 -18.72 12.43
CA ARG A 550 -21.61 -18.16 12.66
C ARG A 550 -22.27 -18.79 13.88
N ALA A 551 -21.98 -20.06 14.15
CA ALA A 551 -22.40 -20.65 15.42
C ALA A 551 -21.64 -20.05 16.60
N SER A 552 -20.37 -19.68 16.41
CA SER A 552 -19.58 -19.09 17.49
C SER A 552 -19.98 -17.66 17.78
N GLY A 553 -20.50 -16.94 16.79
CA GLY A 553 -20.95 -15.58 17.03
C GLY A 553 -20.47 -14.55 16.04
N LEU A 554 -19.80 -14.97 14.97
CA LEU A 554 -19.31 -14.07 13.94
C LEU A 554 -20.30 -14.06 12.79
N SER A 555 -20.83 -12.88 12.47
CA SER A 555 -21.91 -12.78 11.49
C SER A 555 -21.40 -12.92 10.06
N ASP A 556 -20.42 -12.11 9.68
CA ASP A 556 -19.89 -12.10 8.31
C ASP A 556 -18.38 -12.21 8.39
N PRO A 557 -17.84 -13.43 8.39
CA PRO A 557 -16.39 -13.60 8.50
C PRO A 557 -15.64 -13.04 7.30
N SER A 558 -14.57 -12.33 7.59
CA SER A 558 -13.70 -11.78 6.57
C SER A 558 -12.71 -12.84 6.09
N PRO A 559 -11.98 -12.58 4.99
CA PRO A 559 -10.86 -13.46 4.63
C PRO A 559 -9.84 -13.65 5.74
N ALA A 560 -9.54 -12.59 6.49
CA ALA A 560 -8.61 -12.73 7.61
C ALA A 560 -9.22 -13.50 8.76
N ASP A 561 -10.54 -13.38 8.96
CA ASP A 561 -11.25 -14.22 9.92
C ASP A 561 -11.14 -15.70 9.54
N LEU A 562 -11.35 -16.01 8.26
CA LEU A 562 -11.26 -17.39 7.80
C LEU A 562 -9.84 -17.93 7.91
N VAL A 563 -8.84 -17.10 7.58
CA VAL A 563 -7.44 -17.49 7.73
C VAL A 563 -7.11 -17.73 9.20
N ARG A 564 -7.61 -16.87 10.09
CA ARG A 564 -7.38 -17.02 11.53
C ARG A 564 -7.98 -18.30 12.06
N ALA A 565 -9.22 -18.63 11.64
CA ALA A 565 -9.84 -19.87 12.05
C ALA A 565 -9.07 -21.08 11.52
N ARG A 566 -8.58 -20.99 10.28
CA ARG A 566 -7.82 -22.08 9.66
C ARG A 566 -6.52 -22.33 10.40
N LEU A 567 -5.77 -21.27 10.73
CA LEU A 567 -4.49 -21.46 11.39
C LEU A 567 -4.67 -21.84 12.86
N LEU A 568 -5.78 -21.44 13.48
CA LEU A 568 -6.05 -21.85 14.84
C LEU A 568 -6.47 -23.31 14.90
N GLU A 569 -7.18 -23.80 13.88
CA GLU A 569 -7.44 -25.23 13.81
C GLU A 569 -6.19 -26.02 13.41
N LEU A 570 -5.35 -25.45 12.55
CA LEU A 570 -4.19 -26.17 12.04
C LEU A 570 -3.11 -26.32 13.09
N TYR A 571 -2.99 -25.37 14.02
CA TYR A 571 -1.94 -25.46 15.03
C TYR A 571 -2.47 -25.69 16.43
N ASP A 572 -3.73 -26.15 16.54
CA ASP A 572 -4.39 -26.53 17.80
C ASP A 572 -4.40 -25.38 18.81
N CYS A 573 -4.66 -24.17 18.30
CA CYS A 573 -4.76 -22.93 19.09
C CYS A 573 -3.48 -22.67 19.87
N HIS A 574 -2.35 -22.89 19.21
CA HIS A 574 -1.04 -22.56 19.75
C HIS A 574 -0.37 -21.56 18.83
N CYS A 575 0.55 -20.79 19.39
CA CYS A 575 1.37 -19.91 18.58
C CYS A 575 2.27 -20.73 17.67
N MET A 576 2.40 -20.30 16.42
CA MET A 576 3.27 -21.00 15.48
C MET A 576 4.73 -20.81 15.81
N TYR A 577 5.08 -19.81 16.60
CA TYR A 577 6.47 -19.46 16.83
C TYR A 577 6.97 -20.02 18.15
N CYS A 578 6.33 -19.66 19.27
CA CYS A 578 6.80 -20.09 20.58
C CYS A 578 5.98 -21.23 21.15
N GLY A 579 4.88 -21.60 20.52
CA GLY A 579 4.03 -22.67 21.00
C GLY A 579 3.17 -22.36 22.19
N ALA A 580 3.09 -21.10 22.61
CA ALA A 580 2.21 -20.73 23.71
C ALA A 580 0.76 -20.90 23.28
N PRO A 581 -0.12 -21.33 24.18
CA PRO A 581 -1.54 -21.44 23.82
C PRO A 581 -2.13 -20.06 23.54
N ILE A 582 -3.05 -20.02 22.58
CA ILE A 582 -3.71 -18.80 22.16
C ILE A 582 -5.18 -19.07 21.91
N SER A 583 -5.95 -18.00 21.82
CA SER A 583 -7.37 -18.08 21.50
C SER A 583 -7.68 -17.15 20.34
N TRP A 584 -8.96 -16.93 20.06
CA TRP A 584 -9.34 -16.08 18.94
C TRP A 584 -8.98 -14.62 19.21
N GLU A 585 -9.23 -14.14 20.42
CA GLU A 585 -9.12 -12.70 20.68
C GLU A 585 -7.70 -12.25 20.97
N ASN A 586 -6.81 -13.13 21.41
CA ASN A 586 -5.44 -12.74 21.68
C ASN A 586 -4.46 -13.11 20.56
N SER A 587 -4.94 -13.77 19.51
CA SER A 587 -4.08 -14.13 18.39
C SER A 587 -3.85 -12.94 17.47
N GLU A 588 -2.73 -12.99 16.76
CA GLU A 588 -2.39 -12.01 15.74
C GLU A 588 -1.96 -12.74 14.48
N LEU A 589 -2.30 -12.18 13.32
CA LEU A 589 -1.90 -12.73 12.04
C LEU A 589 -0.63 -12.00 11.61
N ASP A 590 0.51 -12.55 12.00
CA ASP A 590 1.80 -11.97 11.66
C ASP A 590 2.12 -12.22 10.19
N HIS A 591 2.57 -11.18 9.51
CA HIS A 591 3.13 -11.31 8.18
C HIS A 591 4.56 -11.79 8.35
N ILE A 592 4.85 -13.04 7.92
CA ILE A 592 6.18 -13.61 8.08
C ILE A 592 7.21 -12.77 7.34
N VAL A 593 6.87 -12.34 6.13
CA VAL A 593 7.61 -11.29 5.45
C VAL A 593 6.89 -9.98 5.76
N PRO A 594 7.52 -9.06 6.49
CA PRO A 594 6.89 -7.79 6.88
C PRO A 594 6.28 -7.01 5.73
N ARG A 595 5.21 -6.27 6.05
CA ARG A 595 4.50 -5.47 5.06
C ARG A 595 5.41 -4.40 4.48
N THR A 596 6.27 -3.81 5.33
CA THR A 596 7.22 -2.79 4.87
C THR A 596 8.27 -3.36 3.94
N ASP A 597 8.47 -4.68 3.93
CA ASP A 597 9.36 -5.32 2.97
C ASP A 597 8.58 -5.97 1.84
N GLY A 598 7.41 -5.42 1.51
CA GLY A 598 6.60 -5.93 0.43
C GLY A 598 5.78 -7.14 0.74
N GLY A 599 5.79 -7.62 1.99
CA GLY A 599 5.10 -8.84 2.38
C GLY A 599 3.60 -8.77 2.21
N SER A 600 3.03 -9.79 1.56
CA SER A 600 1.65 -9.77 1.14
C SER A 600 0.72 -10.35 2.19
N ASN A 601 -0.58 -10.33 1.89
CA ASN A 601 -1.60 -10.94 2.73
C ASN A 601 -2.01 -12.31 2.22
N ARG A 602 -1.23 -12.88 1.31
CA ARG A 602 -1.45 -14.24 0.85
C ARG A 602 -1.22 -15.19 2.03
N HIS A 603 -2.03 -16.25 2.09
CA HIS A 603 -2.09 -17.05 3.32
C HIS A 603 -0.83 -17.83 3.64
N GLU A 604 0.05 -18.06 2.67
CA GLU A 604 1.36 -18.62 3.00
C GLU A 604 2.26 -17.61 3.73
N ASN A 605 1.95 -16.32 3.66
CA ASN A 605 2.69 -15.29 4.39
C ASN A 605 2.11 -15.01 5.77
N LEU A 606 1.04 -15.68 6.15
CA LEU A 606 0.36 -15.39 7.40
C LEU A 606 0.66 -16.49 8.42
N ALA A 607 1.10 -16.08 9.60
CA ALA A 607 1.37 -16.99 10.71
C ALA A 607 0.51 -16.59 11.89
N ILE A 608 -0.08 -17.57 12.56
CA ILE A 608 -0.85 -17.29 13.76
C ILE A 608 0.11 -17.16 14.94
N THR A 609 -0.04 -16.10 15.73
CA THR A 609 1.00 -15.67 16.64
C THR A 609 0.36 -15.18 17.95
N CYS A 610 1.09 -15.33 19.05
CA CYS A 610 0.59 -14.88 20.35
C CYS A 610 0.43 -13.36 20.42
N GLY A 611 1.24 -12.63 19.69
CA GLY A 611 1.19 -11.18 19.73
C GLY A 611 2.46 -10.60 20.34
N ALA A 612 2.92 -11.23 21.42
CA ALA A 612 4.24 -10.90 21.96
C ALA A 612 5.34 -11.24 20.97
N CYS A 613 5.22 -12.41 20.32
CA CYS A 613 6.20 -12.82 19.31
C CYS A 613 6.18 -11.89 18.11
N ASN A 614 4.98 -11.46 17.70
CA ASN A 614 4.83 -10.51 16.60
C ASN A 614 5.48 -9.16 16.94
N LYS A 615 5.21 -8.67 18.15
CA LYS A 615 5.73 -7.37 18.55
C LYS A 615 7.24 -7.40 18.73
N GLU A 616 7.78 -8.54 19.16
CA GLU A 616 9.23 -8.69 19.28
C GLU A 616 9.89 -8.87 17.92
N LYS A 617 9.22 -9.56 16.99
CA LYS A 617 9.80 -9.80 15.68
C LYS A 617 9.88 -8.52 14.88
N GLY A 618 8.79 -7.74 14.85
CA GLY A 618 8.83 -6.45 14.16
C GLY A 618 9.03 -6.57 12.67
N ARG A 619 10.02 -5.86 12.14
CA ARG A 619 10.35 -6.02 10.73
C ARG A 619 11.36 -7.12 10.44
N ARG A 620 12.17 -7.49 11.44
CA ARG A 620 13.24 -8.47 11.27
C ARG A 620 12.71 -9.76 10.64
N PRO A 621 13.48 -10.40 9.77
CA PRO A 621 13.09 -11.72 9.25
C PRO A 621 13.04 -12.74 10.38
N PHE A 622 12.27 -13.81 10.13
CA PHE A 622 12.16 -14.92 11.09
C PHE A 622 13.50 -15.47 11.52
N ALA A 623 14.45 -15.58 10.60
CA ALA A 623 15.70 -16.22 10.96
C ALA A 623 16.59 -15.23 11.72
N SER A 624 16.63 -13.97 11.26
CA SER A 624 17.39 -12.93 11.93
C SER A 624 16.81 -12.52 13.28
N TRP A 625 15.61 -13.00 13.61
CA TRP A 625 15.00 -12.76 14.92
C TRP A 625 15.13 -13.98 15.81
N ALA A 626 14.84 -15.18 15.28
CA ALA A 626 14.98 -16.42 16.05
C ALA A 626 16.43 -16.70 16.41
N GLU A 627 17.39 -16.28 15.55
CA GLU A 627 18.81 -16.55 15.78
C GLU A 627 19.27 -15.99 17.11
N THR A 628 18.89 -14.75 17.41
CA THR A 628 19.33 -14.07 18.62
C THR A 628 18.28 -14.08 19.71
N SER A 629 17.05 -14.49 19.40
CA SER A 629 16.00 -14.48 20.39
C SER A 629 16.20 -15.63 21.38
N ASN A 630 15.34 -15.68 22.39
CA ASN A 630 15.32 -16.80 23.31
C ASN A 630 13.93 -17.37 23.48
N ARG A 631 12.91 -16.74 22.89
CA ARG A 631 11.54 -17.15 23.06
C ARG A 631 11.18 -18.29 22.10
N VAL A 632 11.74 -18.26 20.89
CA VAL A 632 11.42 -19.23 19.86
C VAL A 632 12.69 -19.93 19.38
N GLN A 633 12.50 -21.10 18.78
CA GLN A 633 13.57 -21.84 18.12
C GLN A 633 13.21 -21.99 16.66
N LEU A 634 14.15 -21.61 15.79
CA LEU A 634 13.94 -21.64 14.34
C LEU A 634 13.65 -23.06 13.86
N ARG A 635 14.45 -24.03 14.31
CA ARG A 635 14.29 -25.41 13.87
C ARG A 635 13.02 -26.02 14.40
N ASP A 636 12.61 -25.62 15.62
CA ASP A 636 11.36 -26.12 16.18
C ASP A 636 10.17 -25.61 15.38
N VAL A 637 10.21 -24.34 14.95
CA VAL A 637 9.14 -23.80 14.10
C VAL A 637 9.11 -24.52 12.75
N ILE A 638 10.29 -24.74 12.15
CA ILE A 638 10.36 -25.42 10.85
C ILE A 638 9.83 -26.86 10.97
N ASP A 639 10.17 -27.54 12.05
CA ASP A 639 9.72 -28.92 12.24
C ASP A 639 8.24 -28.98 12.55
N ARG A 640 7.69 -27.97 13.23
CA ARG A 640 6.25 -27.93 13.48
C ARG A 640 5.48 -27.67 12.20
N VAL A 641 6.02 -26.84 11.31
CA VAL A 641 5.40 -26.65 9.99
C VAL A 641 5.49 -27.92 9.15
N GLN A 642 6.66 -28.57 9.16
CA GLN A 642 6.86 -29.77 8.36
C GLN A 642 6.11 -30.98 8.90
N LYS A 643 5.72 -30.95 10.17
CA LYS A 643 5.02 -32.07 10.79
C LYS A 643 3.49 -31.94 10.61
N LEU A 644 3.03 -30.98 9.81
CA LEU A 644 1.62 -30.88 9.51
C LEU A 644 1.22 -31.95 8.50
N LYS A 645 0.14 -32.66 8.79
CA LYS A 645 -0.29 -33.78 7.98
C LYS A 645 -1.60 -33.47 7.27
N TYR A 646 -1.72 -33.96 6.04
CA TYR A 646 -2.89 -33.72 5.22
C TYR A 646 -4.07 -34.56 5.70
N SER A 647 -5.15 -33.90 6.08
CA SER A 647 -6.35 -34.57 6.54
C SER A 647 -7.17 -35.07 5.36
N GLY A 648 -8.25 -35.81 5.67
CA GLY A 648 -9.12 -36.30 4.61
C GLY A 648 -9.87 -35.18 3.91
N ASN A 649 -10.38 -34.21 4.67
CA ASN A 649 -11.01 -33.03 4.11
C ASN A 649 -10.50 -31.77 4.78
N MET A 650 -9.84 -30.91 4.00
CA MET A 650 -9.26 -29.70 4.53
C MET A 650 -9.15 -28.68 3.41
N TYR A 651 -8.74 -27.46 3.77
CA TYR A 651 -8.74 -26.31 2.87
C TYR A 651 -7.87 -26.54 1.64
N TRP A 652 -6.65 -26.99 1.84
CA TRP A 652 -5.77 -27.24 0.71
C TRP A 652 -6.06 -28.60 0.09
N THR A 653 -5.64 -28.75 -1.16
CA THR A 653 -5.52 -30.06 -1.77
C THR A 653 -4.15 -30.64 -1.40
N ARG A 654 -3.79 -31.80 -1.95
CA ARG A 654 -2.49 -32.40 -1.66
C ARG A 654 -1.35 -31.52 -2.15
N ASP A 655 -1.39 -31.15 -3.44
CA ASP A 655 -0.37 -30.29 -4.03
C ASP A 655 -0.33 -28.94 -3.35
N GLU A 656 -1.52 -28.38 -3.06
CA GLU A 656 -1.61 -27.08 -2.43
C GLU A 656 -1.04 -27.10 -1.03
N PHE A 657 -1.33 -28.16 -0.27
CA PHE A 657 -0.81 -28.32 1.08
C PHE A 657 0.70 -28.46 1.07
N SER A 658 1.24 -29.20 0.10
CA SER A 658 2.69 -29.36 -0.02
C SER A 658 3.35 -28.03 -0.36
N ARG A 659 2.81 -27.32 -1.36
CA ARG A 659 3.36 -26.02 -1.76
C ARG A 659 3.20 -24.98 -0.66
N TYR A 660 2.13 -25.09 0.13
CA TYR A 660 1.89 -24.16 1.24
C TYR A 660 2.92 -24.36 2.34
N LYS A 661 3.21 -25.62 2.70
CA LYS A 661 4.24 -25.89 3.69
C LYS A 661 5.61 -25.45 3.20
N LYS A 662 5.91 -25.68 1.92
CA LYS A 662 7.19 -25.25 1.35
C LYS A 662 7.33 -23.73 1.36
N SER A 663 6.25 -23.01 1.00
CA SER A 663 6.28 -21.56 1.00
C SER A 663 6.45 -21.00 2.40
N VAL A 664 5.76 -21.59 3.39
CA VAL A 664 5.89 -21.15 4.78
C VAL A 664 7.30 -21.38 5.29
N VAL A 665 7.88 -22.55 4.98
CA VAL A 665 9.24 -22.86 5.40
C VAL A 665 10.25 -21.90 4.76
N ALA A 666 10.07 -21.60 3.47
CA ALA A 666 10.94 -20.67 2.78
C ALA A 666 10.82 -19.26 3.35
N ARG A 667 9.63 -18.89 3.85
CA ARG A 667 9.48 -17.58 4.45
C ARG A 667 10.08 -17.52 5.85
N LEU A 668 10.07 -18.62 6.57
CA LEU A 668 10.72 -18.66 7.88
C LEU A 668 12.24 -18.69 7.74
N LYS A 669 12.74 -19.26 6.65
CA LYS A 669 14.18 -19.50 6.48
C LYS A 669 14.96 -18.26 6.07
N ARG A 670 14.30 -17.19 5.63
CA ARG A 670 15.05 -16.06 5.07
C ARG A 670 15.77 -15.29 6.18
N ARG A 671 17.07 -15.09 6.01
CA ARG A 671 17.89 -14.43 7.01
C ARG A 671 18.21 -12.99 6.67
N THR A 672 17.73 -12.49 5.54
CA THR A 672 17.93 -11.10 5.15
C THR A 672 16.60 -10.49 4.80
N SER A 673 16.57 -9.16 4.72
CA SER A 673 15.32 -8.45 4.42
C SER A 673 15.12 -8.34 2.91
N ASP A 674 15.17 -9.49 2.23
CA ASP A 674 14.86 -9.55 0.83
C ASP A 674 13.36 -9.33 0.62
N PRO A 675 12.97 -8.74 -0.51
CA PRO A 675 11.55 -8.48 -0.77
C PRO A 675 10.74 -9.75 -0.99
N GLU A 676 9.42 -9.57 -1.14
CA GLU A 676 8.48 -10.68 -1.22
C GLU A 676 8.72 -11.52 -2.48
N VAL A 677 8.62 -12.85 -2.30
CA VAL A 677 8.81 -13.79 -3.41
C VAL A 677 7.70 -13.65 -4.45
N ILE A 678 6.49 -13.34 -4.00
CA ILE A 678 5.32 -13.25 -4.87
C ILE A 678 5.34 -11.94 -5.64
N GLN A 679 5.15 -12.03 -6.97
CA GLN A 679 5.03 -10.86 -7.82
C GLN A 679 3.55 -10.65 -8.09
N SER A 680 2.95 -9.72 -7.36
CA SER A 680 1.51 -9.49 -7.48
C SER A 680 1.22 -8.72 -8.76
N ILE A 681 0.18 -9.13 -9.47
CA ILE A 681 -0.17 -8.58 -10.76
C ILE A 681 -1.51 -7.86 -10.74
N GLU A 682 -2.10 -7.67 -9.56
CA GLU A 682 -3.38 -6.95 -9.45
C GLU A 682 -3.26 -5.50 -9.90
N SER A 683 -2.18 -4.82 -9.50
CA SER A 683 -2.01 -3.43 -9.86
C SER A 683 -1.79 -3.29 -11.36
N THR A 684 -1.08 -4.24 -11.96
CA THR A 684 -0.88 -4.23 -13.42
C THR A 684 -2.20 -4.47 -14.15
N GLY A 685 -3.00 -5.44 -13.67
CA GLY A 685 -4.28 -5.71 -14.29
C GLY A 685 -5.26 -4.55 -14.15
N TYR A 686 -5.28 -3.93 -12.96
CA TYR A 686 -6.11 -2.75 -12.73
C TYR A 686 -5.65 -1.59 -13.60
N ALA A 687 -4.34 -1.39 -13.72
CA ALA A 687 -3.81 -0.31 -14.57
C ALA A 687 -4.19 -0.53 -16.03
N ALA A 688 -4.08 -1.77 -16.51
CA ALA A 688 -4.47 -2.09 -17.88
C ALA A 688 -5.96 -1.86 -18.12
N VAL A 689 -6.81 -2.31 -17.19
CA VAL A 689 -8.27 -2.20 -17.38
C VAL A 689 -8.72 -0.75 -17.26
N ALA A 690 -8.19 -0.01 -16.27
CA ALA A 690 -8.57 1.39 -16.06
C ALA A 690 -8.10 2.27 -17.21
N LEU A 691 -6.86 2.03 -17.67
CA LEU A 691 -6.32 2.80 -18.79
C LEU A 691 -7.05 2.46 -20.07
N ARG A 692 -7.51 1.21 -20.22
CA ARG A 692 -8.33 0.84 -21.36
C ARG A 692 -9.68 1.54 -21.34
N ASP A 693 -10.32 1.63 -20.18
CA ASP A 693 -11.60 2.32 -20.07
C ASP A 693 -11.45 3.80 -20.42
N ARG A 694 -10.38 4.42 -19.94
CA ARG A 694 -10.15 5.83 -20.23
C ARG A 694 -9.75 6.05 -21.69
N LEU A 695 -9.03 5.10 -22.29
CA LEU A 695 -8.70 5.20 -23.70
C LEU A 695 -9.92 4.99 -24.58
N LEU A 696 -10.87 4.17 -24.12
CA LEU A 696 -12.15 4.06 -24.82
C LEU A 696 -12.92 5.37 -24.77
N SER A 697 -12.88 6.06 -23.62
CA SER A 697 -13.48 7.39 -23.52
C SER A 697 -12.82 8.39 -24.47
N TYR A 698 -11.48 8.37 -24.51
CA TYR A 698 -10.74 9.23 -25.44
C TYR A 698 -11.11 8.93 -26.88
N GLY A 699 -11.22 7.63 -27.22
CA GLY A 699 -11.56 7.25 -28.57
C GLY A 699 -12.96 7.65 -28.97
N GLU A 700 -13.91 7.59 -28.03
CA GLU A 700 -15.25 8.10 -28.31
C GLU A 700 -15.23 9.60 -28.54
N LYS A 701 -14.44 10.33 -27.76
CA LYS A 701 -14.36 11.78 -27.93
C LYS A 701 -13.51 12.20 -29.13
N ASN A 702 -12.71 11.31 -29.72
CA ASN A 702 -11.76 11.70 -30.75
C ASN A 702 -11.89 10.90 -32.04
N GLY A 703 -12.91 10.06 -32.17
CA GLY A 703 -13.12 9.28 -33.38
C GLY A 703 -12.08 8.20 -33.67
N VAL A 704 -11.56 7.56 -32.63
CA VAL A 704 -10.65 6.43 -32.81
C VAL A 704 -11.49 5.19 -33.10
N ALA A 705 -11.11 4.46 -34.16
CA ALA A 705 -11.91 3.34 -34.64
C ALA A 705 -11.96 2.19 -33.63
N GLN A 706 -10.83 1.86 -33.00
CA GLN A 706 -10.83 0.71 -32.09
C GLN A 706 -9.75 0.85 -31.02
N VAL A 707 -10.09 0.35 -29.84
CA VAL A 707 -9.14 0.17 -28.75
C VAL A 707 -9.09 -1.33 -28.48
N ALA A 708 -8.15 -2.01 -29.13
CA ALA A 708 -8.00 -3.44 -28.99
C ALA A 708 -7.15 -3.76 -27.76
N VAL A 709 -7.32 -4.96 -27.25
CA VAL A 709 -6.59 -5.45 -26.09
C VAL A 709 -6.06 -6.84 -26.37
N PHE A 710 -4.84 -7.10 -25.93
CA PHE A 710 -4.22 -8.40 -26.09
C PHE A 710 -3.50 -8.76 -24.81
N ARG A 711 -3.33 -10.07 -24.60
CA ARG A 711 -2.68 -10.57 -23.39
C ARG A 711 -1.18 -10.38 -23.49
N GLY A 712 -0.51 -10.53 -22.34
CA GLY A 712 0.94 -10.39 -22.31
C GLY A 712 1.66 -11.51 -23.05
N GLY A 713 1.13 -12.73 -22.98
CA GLY A 713 1.76 -13.84 -23.64
C GLY A 713 1.68 -13.74 -25.15
N VAL A 714 0.66 -13.07 -25.67
CA VAL A 714 0.56 -12.81 -27.09
C VAL A 714 1.67 -11.86 -27.54
N THR A 715 1.98 -10.86 -26.72
CA THR A 715 3.06 -9.93 -27.04
C THR A 715 4.42 -10.62 -26.98
N ALA A 716 4.62 -11.49 -25.97
CA ALA A 716 5.88 -12.22 -25.88
C ALA A 716 6.07 -13.19 -27.05
N GLU A 717 4.99 -13.87 -27.46
CA GLU A 717 5.07 -14.78 -28.59
C GLU A 717 5.25 -14.04 -29.91
N ALA A 718 4.66 -12.84 -30.03
CA ALA A 718 4.89 -12.02 -31.21
C ALA A 718 6.33 -11.54 -31.29
N ARG A 719 6.93 -11.24 -30.14
CA ARG A 719 8.36 -10.91 -30.13
C ARG A 719 9.20 -12.12 -30.51
N ARG A 720 8.76 -13.30 -30.11
CA ARG A 720 9.49 -14.53 -30.46
C ARG A 720 9.43 -14.80 -31.96
N TRP A 721 8.25 -14.65 -32.57
CA TRP A 721 8.12 -14.95 -34.00
C TRP A 721 8.44 -13.78 -34.91
N LEU A 722 8.72 -12.59 -34.39
CA LEU A 722 9.29 -11.53 -35.21
C LEU A 722 10.79 -11.45 -35.11
N ASP A 723 11.43 -12.36 -34.36
CA ASP A 723 12.87 -12.39 -34.11
C ASP A 723 13.34 -11.05 -33.53
N ILE A 724 12.64 -10.59 -32.51
CA ILE A 724 13.02 -9.39 -31.78
C ILE A 724 13.62 -9.84 -30.47
N SER A 725 14.93 -9.71 -30.37
CA SER A 725 15.67 -10.03 -29.17
C SER A 725 16.20 -8.72 -28.60
N ILE A 726 16.06 -8.56 -27.29
CA ILE A 726 16.51 -7.33 -26.65
C ILE A 726 18.04 -7.23 -26.68
N GLU A 727 18.72 -8.37 -26.50
CA GLU A 727 20.17 -8.39 -26.52
C GLU A 727 20.73 -8.15 -27.92
N ARG A 728 19.99 -8.54 -28.96
CA ARG A 728 20.43 -8.27 -30.33
C ARG A 728 20.05 -6.87 -30.77
N LEU A 729 18.89 -6.39 -30.31
CA LEU A 729 18.41 -5.06 -30.65
C LEU A 729 19.29 -3.97 -30.04
N PHE A 730 19.73 -4.17 -28.81
CA PHE A 730 20.50 -3.15 -28.10
C PHE A 730 21.94 -3.54 -27.87
N SER A 731 22.43 -4.56 -28.60
CA SER A 731 23.83 -5.05 -28.57
C SER A 731 24.30 -5.32 -27.15
N ARG A 732 23.42 -5.94 -26.36
CA ARG A 732 23.74 -6.28 -24.98
C ARG A 732 24.53 -7.58 -24.95
N VAL A 733 25.68 -7.56 -24.29
CA VAL A 733 26.53 -8.74 -24.20
C VAL A 733 25.88 -9.79 -23.30
N ALA A 734 26.37 -11.02 -23.41
CA ALA A 734 25.82 -12.15 -22.67
C ALA A 734 26.16 -12.06 -21.20
N ILE A 735 25.15 -12.26 -20.34
CA ILE A 735 25.39 -12.31 -18.91
C ILE A 735 25.36 -13.73 -18.35
N PHE A 736 24.83 -14.70 -19.10
CA PHE A 736 24.81 -16.09 -18.67
C PHE A 736 25.67 -16.91 -19.62
N ALA A 737 26.35 -17.93 -19.07
CA ALA A 737 27.17 -18.80 -19.91
C ALA A 737 26.30 -19.61 -20.85
N GLN A 738 25.17 -20.11 -20.37
CA GLN A 738 24.21 -20.83 -21.17
C GLN A 738 23.03 -19.93 -21.50
N SER A 739 22.45 -20.13 -22.69
CA SER A 739 21.24 -19.45 -23.17
C SER A 739 21.38 -17.92 -23.26
N THR A 740 20.28 -17.26 -23.59
CA THR A 740 20.27 -15.81 -23.76
C THR A 740 19.53 -15.16 -22.59
N SER A 741 19.89 -13.92 -22.31
CA SER A 741 19.22 -13.17 -21.26
C SER A 741 17.81 -12.79 -21.67
N THR A 742 16.96 -12.54 -20.67
CA THR A 742 15.58 -12.19 -20.91
C THR A 742 15.46 -10.75 -21.42
N LYS A 743 14.22 -10.31 -21.60
CA LYS A 743 14.00 -8.96 -22.09
C LYS A 743 14.27 -7.90 -21.03
N ARG A 744 14.29 -8.28 -19.76
CA ARG A 744 14.33 -7.33 -18.65
C ARG A 744 15.72 -6.74 -18.41
N LEU A 745 16.75 -7.20 -19.12
CA LEU A 745 18.08 -6.62 -18.93
C LEU A 745 18.11 -5.16 -19.37
N ASP A 746 17.41 -4.84 -20.44
CA ASP A 746 17.36 -3.48 -20.94
C ASP A 746 15.96 -2.95 -20.69
N ARG A 747 15.89 -1.76 -20.10
CA ARG A 747 14.62 -1.18 -19.69
C ARG A 747 13.82 -0.66 -20.87
N ARG A 748 14.44 -0.57 -22.05
CA ARG A 748 13.79 -0.20 -23.30
C ARG A 748 12.79 -1.26 -23.81
N HIS A 749 12.76 -2.44 -23.18
CA HIS A 749 11.87 -3.51 -23.61
C HIS A 749 10.39 -3.17 -23.43
N HIS A 750 10.04 -2.26 -22.52
CA HIS A 750 8.65 -1.81 -22.41
C HIS A 750 8.23 -1.08 -23.68
N ALA A 751 9.08 -0.17 -24.17
CA ALA A 751 8.82 0.53 -25.42
C ALA A 751 8.79 -0.43 -26.59
N VAL A 752 9.68 -1.43 -26.58
CA VAL A 752 9.69 -2.45 -27.63
C VAL A 752 8.39 -3.24 -27.62
N ASP A 753 7.91 -3.61 -26.43
CA ASP A 753 6.65 -4.33 -26.27
C ASP A 753 5.48 -3.51 -26.77
N ALA A 754 5.52 -2.19 -26.52
CA ALA A 754 4.46 -1.31 -27.02
C ALA A 754 4.48 -1.24 -28.55
N VAL A 755 5.68 -1.16 -29.15
CA VAL A 755 5.81 -1.16 -30.61
C VAL A 755 5.25 -2.45 -31.20
N VAL A 756 5.58 -3.58 -30.56
CA VAL A 756 5.09 -4.89 -31.00
C VAL A 756 3.58 -4.98 -30.84
N LEU A 757 3.05 -4.37 -29.77
CA LEU A 757 1.61 -4.34 -29.53
C LEU A 757 0.86 -3.60 -30.63
N THR A 758 1.48 -2.55 -31.20
CA THR A 758 0.81 -1.83 -32.30
C THR A 758 0.59 -2.70 -33.55
N THR A 759 1.25 -3.84 -33.67
CA THR A 759 1.13 -4.71 -34.84
C THR A 759 0.03 -5.75 -34.72
N LEU A 760 -0.49 -5.96 -33.52
CA LEU A 760 -1.32 -7.14 -33.27
C LEU A 760 -2.74 -6.95 -33.77
N THR A 761 -3.25 -7.99 -34.41
CA THR A 761 -4.64 -8.15 -34.80
C THR A 761 -5.24 -9.31 -34.02
N PRO A 762 -6.58 -9.35 -33.84
CA PRO A 762 -7.19 -10.43 -33.04
C PRO A 762 -6.96 -11.85 -33.57
N GLY A 763 -6.96 -12.03 -34.90
CA GLY A 763 -6.74 -13.36 -35.45
C GLY A 763 -5.34 -13.87 -35.20
N VAL A 764 -4.34 -13.00 -35.43
CA VAL A 764 -2.97 -13.41 -35.16
C VAL A 764 -2.74 -13.56 -33.66
N ALA A 765 -3.50 -12.83 -32.84
CA ALA A 765 -3.39 -13.01 -31.39
C ALA A 765 -3.91 -14.37 -30.96
N LYS A 766 -5.02 -14.81 -31.56
CA LYS A 766 -5.51 -16.16 -31.30
C LYS A 766 -4.49 -17.21 -31.75
N THR A 767 -3.87 -16.99 -32.91
CA THR A 767 -2.89 -17.93 -33.43
C THR A 767 -1.65 -18.02 -32.51
N LEU A 768 -1.14 -16.87 -32.06
CA LEU A 768 0.04 -16.87 -31.19
C LEU A 768 -0.29 -17.38 -29.80
N ALA A 769 -1.53 -17.18 -29.34
CA ALA A 769 -1.95 -17.74 -28.05
C ALA A 769 -2.03 -19.25 -28.12
N ASP A 770 -2.57 -19.80 -29.22
CA ASP A 770 -2.58 -21.24 -29.42
C ASP A 770 -1.16 -21.80 -29.51
N ALA A 771 -0.28 -21.08 -30.21
CA ALA A 771 1.10 -21.53 -30.37
C ALA A 771 1.85 -21.55 -29.05
N ARG A 772 1.71 -20.48 -28.25
CA ARG A 772 2.40 -20.44 -26.96
C ARG A 772 1.81 -21.47 -25.99
N SER A 773 0.49 -21.69 -26.05
CA SER A 773 -0.12 -22.72 -25.20
C SER A 773 0.37 -24.11 -25.57
N ARG A 774 0.54 -24.37 -26.88
CA ARG A 774 1.06 -25.65 -27.32
C ARG A 774 2.52 -25.84 -26.91
N ARG A 775 3.30 -24.75 -26.88
CA ARG A 775 4.69 -24.89 -26.43
C ARG A 775 4.84 -24.94 -24.92
N VAL A 776 3.88 -24.38 -24.17
CA VAL A 776 3.87 -24.62 -22.72
C VAL A 776 3.50 -26.06 -22.43
N SER A 777 2.49 -26.58 -23.12
CA SER A 777 2.13 -28.00 -22.98
C SER A 777 3.13 -28.85 -23.75
N ALA A 778 4.26 -29.11 -23.10
CA ALA A 778 5.33 -29.90 -23.70
C ALA A 778 6.06 -30.73 -22.65
N SER A 791 10.92 -28.48 -32.58
CA SER A 791 11.19 -27.37 -31.68
C SER A 791 12.09 -26.33 -32.34
N THR A 792 11.50 -25.28 -32.91
CA THR A 792 10.07 -25.01 -32.93
C THR A 792 9.46 -25.09 -34.32
N GLU A 793 8.15 -24.89 -34.38
CA GLU A 793 7.38 -24.94 -35.62
C GLU A 793 6.64 -23.62 -35.81
N GLU A 794 6.69 -23.08 -37.02
CA GLU A 794 6.06 -21.78 -37.28
C GLU A 794 4.54 -21.91 -37.16
N PRO A 795 3.86 -20.88 -36.63
CA PRO A 795 2.39 -20.93 -36.58
C PRO A 795 1.76 -20.97 -37.97
N GLN A 796 0.59 -21.59 -38.04
CA GLN A 796 -0.12 -21.81 -39.29
C GLN A 796 -1.52 -21.24 -39.18
N SER A 797 -1.74 -20.08 -39.82
CA SER A 797 -3.04 -19.44 -39.98
C SER A 797 -2.90 -18.31 -41.00
N PRO A 798 -3.98 -17.97 -41.72
CA PRO A 798 -3.94 -16.80 -42.63
C PRO A 798 -3.64 -15.50 -41.90
N ALA A 799 -4.14 -15.35 -40.68
CA ALA A 799 -3.85 -14.14 -39.91
C ALA A 799 -2.37 -14.08 -39.54
N TYR A 800 -1.77 -15.23 -39.18
CA TYR A 800 -0.35 -15.24 -38.88
C TYR A 800 0.48 -14.91 -40.12
N ARG A 801 0.10 -15.47 -41.28
CA ARG A 801 0.84 -15.19 -42.52
C ARG A 801 0.72 -13.72 -42.90
N GLN A 802 -0.48 -13.17 -42.81
CA GLN A 802 -0.71 -11.76 -43.16
C GLN A 802 0.02 -10.83 -42.21
N TRP A 803 -0.01 -11.13 -40.91
CA TRP A 803 0.68 -10.30 -39.92
C TRP A 803 2.18 -10.38 -40.08
N LYS A 804 2.70 -11.58 -40.39
CA LYS A 804 4.14 -11.74 -40.60
C LYS A 804 4.60 -10.98 -41.84
N GLU A 805 3.80 -11.01 -42.91
CA GLU A 805 4.18 -10.27 -44.12
C GLU A 805 4.00 -8.77 -43.95
N SER A 806 3.05 -8.34 -43.11
CA SER A 806 2.88 -6.92 -42.85
C SER A 806 3.96 -6.37 -41.94
N CYS A 807 4.46 -7.17 -41.00
CA CYS A 807 5.41 -6.72 -40.00
C CYS A 807 6.77 -7.40 -40.16
N SER A 808 7.11 -7.77 -41.41
CA SER A 808 8.44 -8.28 -41.71
C SER A 808 9.51 -7.21 -41.50
N GLY A 809 9.24 -5.97 -41.89
CA GLY A 809 10.18 -4.88 -41.77
C GLY A 809 10.30 -4.26 -40.38
N LEU A 810 9.50 -4.74 -39.43
CA LEU A 810 9.51 -4.16 -38.09
C LEU A 810 10.83 -4.43 -37.38
N GLY A 811 11.45 -5.58 -37.63
CA GLY A 811 12.75 -5.87 -37.03
C GLY A 811 13.82 -4.90 -37.49
N ASP A 812 13.87 -4.63 -38.80
CA ASP A 812 14.85 -3.70 -39.33
C ASP A 812 14.57 -2.28 -38.86
N LEU A 813 13.28 -1.91 -38.76
CA LEU A 813 12.90 -0.59 -38.28
C LEU A 813 13.31 -0.40 -36.81
N LEU A 814 13.12 -1.45 -36.00
CA LEU A 814 13.51 -1.38 -34.59
C LEU A 814 15.02 -1.36 -34.43
N ILE A 815 15.74 -2.09 -35.30
CA ILE A 815 17.20 -2.08 -35.27
C ILE A 815 17.73 -0.70 -35.59
N SER A 816 17.16 -0.04 -36.61
CA SER A 816 17.59 1.32 -36.94
C SER A 816 17.21 2.31 -35.84
N THR A 817 16.05 2.11 -35.20
CA THR A 817 15.63 2.99 -34.12
C THR A 817 16.53 2.87 -32.91
N ALA A 818 16.96 1.64 -32.59
CA ALA A 818 17.93 1.44 -31.52
C ALA A 818 19.33 1.90 -31.91
N ALA A 819 19.64 1.90 -33.21
CA ALA A 819 20.94 2.37 -33.65
C ALA A 819 21.06 3.88 -33.55
N ARG A 820 19.97 4.62 -33.78
CA ARG A 820 20.01 6.06 -33.62
C ARG A 820 19.62 6.51 -32.21
N ASP A 821 19.50 5.56 -31.27
CA ASP A 821 19.22 5.80 -29.84
C ASP A 821 17.94 6.62 -29.62
N SER A 822 16.91 6.34 -30.41
CA SER A 822 15.65 7.05 -30.26
C SER A 822 14.72 6.45 -29.23
N ILE A 823 14.96 5.24 -28.76
CA ILE A 823 14.15 4.64 -27.71
C ILE A 823 14.71 5.12 -26.38
N ALA A 824 13.97 6.01 -25.72
CA ALA A 824 14.43 6.62 -24.48
C ALA A 824 13.85 5.89 -23.28
N VAL A 825 14.63 5.87 -22.20
CA VAL A 825 14.16 5.47 -20.89
C VAL A 825 14.23 6.70 -20.00
N ALA A 826 13.08 7.12 -19.51
CA ALA A 826 13.02 8.34 -18.72
C ALA A 826 12.19 8.12 -17.47
N ALA A 827 12.57 8.81 -16.43
CA ALA A 827 11.75 8.87 -15.24
C ALA A 827 11.13 10.25 -15.12
N PRO A 828 9.85 10.34 -14.77
CA PRO A 828 9.23 11.66 -14.58
C PRO A 828 9.77 12.34 -13.34
N LEU A 829 9.97 13.64 -13.44
CA LEU A 829 10.58 14.40 -12.36
C LEU A 829 9.56 14.69 -11.27
N ARG A 830 10.05 14.78 -10.04
CA ARG A 830 9.24 15.22 -8.92
C ARG A 830 9.80 16.57 -8.50
N LEU A 831 9.08 17.63 -8.84
CA LEU A 831 9.55 18.98 -8.59
C LEU A 831 8.81 19.66 -7.46
N ARG A 832 7.65 19.15 -7.06
CA ARG A 832 6.90 19.75 -5.98
C ARG A 832 7.65 19.60 -4.67
N PRO A 833 7.68 20.64 -3.85
CA PRO A 833 8.38 20.56 -2.55
C PRO A 833 7.46 20.05 -1.44
N THR A 834 6.91 18.86 -1.65
CA THR A 834 6.03 18.23 -0.69
C THR A 834 6.65 16.93 -0.20
N GLY A 835 6.21 16.51 0.98
CA GLY A 835 6.70 15.29 1.57
C GLY A 835 7.20 15.54 2.98
N ALA A 836 7.99 14.60 3.47
CA ALA A 836 8.51 14.68 4.84
C ALA A 836 9.53 15.80 4.94
N LEU A 837 9.29 16.72 5.86
CA LEU A 837 10.16 17.87 6.01
C LEU A 837 11.46 17.51 6.73
N HIS A 838 11.45 16.46 7.53
CA HIS A 838 12.62 16.05 8.30
C HIS A 838 12.43 14.59 8.67
N GLU A 839 13.44 14.03 9.32
CA GLU A 839 13.34 12.67 9.79
C GLU A 839 12.49 12.63 11.07
N GLU A 840 11.89 11.47 11.33
CA GLU A 840 10.90 11.37 12.39
C GLU A 840 11.50 11.29 13.79
N THR A 841 12.81 11.12 13.94
CA THR A 841 13.40 10.97 15.26
C THR A 841 13.85 12.32 15.75
N LEU A 842 13.26 12.78 16.85
CA LEU A 842 13.76 13.97 17.52
C LEU A 842 15.00 13.61 18.31
N ARG A 843 15.93 14.56 18.38
CA ARG A 843 17.20 14.32 19.01
C ARG A 843 17.52 15.42 20.00
N ALA A 844 18.22 15.04 21.06
CA ALA A 844 18.60 15.98 22.10
C ALA A 844 19.67 16.92 21.60
N PHE A 845 19.57 18.18 22.01
CA PHE A 845 20.57 19.17 21.68
C PHE A 845 21.82 18.97 22.53
N SER A 846 22.96 19.27 21.94
CA SER A 846 24.22 19.40 22.66
C SER A 846 24.40 20.84 23.13
N GLU A 847 25.47 21.07 23.88
CA GLU A 847 25.75 22.39 24.44
C GLU A 847 27.22 22.71 24.25
N HIS A 848 27.52 24.00 24.11
CA HIS A 848 28.90 24.43 23.98
C HIS A 848 29.02 25.83 24.56
N THR A 849 30.07 26.06 25.34
CA THR A 849 30.20 27.34 26.01
C THR A 849 30.78 28.38 25.05
N VAL A 850 30.36 29.64 25.22
CA VAL A 850 30.78 30.72 24.32
C VAL A 850 32.28 30.96 24.43
N GLY A 851 32.78 31.03 25.66
CA GLY A 851 34.16 31.35 25.86
C GLY A 851 35.14 30.22 25.63
N ALA A 852 34.66 29.02 25.32
CA ALA A 852 35.56 27.91 25.06
C ALA A 852 36.13 27.99 23.64
N ALA A 853 37.07 27.10 23.35
CA ALA A 853 37.62 27.00 22.02
C ALA A 853 36.61 26.37 21.07
N TRP A 854 36.49 26.94 19.87
CA TRP A 854 35.50 26.52 18.89
C TRP A 854 36.19 25.84 17.70
N LYS A 855 35.85 24.58 17.48
CA LYS A 855 36.22 23.90 16.26
C LYS A 855 35.23 24.26 15.15
N GLY A 856 35.57 23.84 13.93
CA GLY A 856 34.72 24.14 12.79
C GLY A 856 33.39 23.41 12.82
N ALA A 857 33.40 22.15 13.24
CA ALA A 857 32.17 21.36 13.28
C ALA A 857 31.19 21.88 14.33
N GLU A 858 31.73 22.33 15.47
CA GLU A 858 30.90 22.92 16.51
C GLU A 858 30.31 24.25 16.04
N LEU A 859 31.05 25.00 15.23
CA LEU A 859 30.52 26.21 14.62
C LEU A 859 29.43 25.89 13.62
N ARG A 860 29.56 24.77 12.90
CA ARG A 860 28.53 24.37 11.95
C ARG A 860 27.30 23.81 12.63
N ARG A 861 27.39 23.41 13.89
CA ARG A 861 26.25 22.80 14.56
C ARG A 861 25.44 23.79 15.41
N ILE A 862 25.71 25.09 15.31
CA ILE A 862 25.02 26.08 16.13
C ILE A 862 23.57 26.21 15.65
N VAL A 863 22.61 25.96 16.55
CA VAL A 863 21.20 25.85 16.18
C VAL A 863 20.62 27.21 15.83
N GLU A 864 20.86 28.20 16.67
CA GLU A 864 20.19 29.49 16.50
C GLU A 864 20.84 30.24 15.34
N PRO A 865 20.04 30.70 14.36
CA PRO A 865 20.63 31.42 13.21
C PRO A 865 21.34 32.72 13.59
N GLU A 866 20.85 33.43 14.61
CA GLU A 866 21.49 34.67 15.04
C GLU A 866 22.83 34.39 15.69
N VAL A 867 22.90 33.37 16.56
CA VAL A 867 24.16 33.00 17.18
C VAL A 867 25.12 32.45 16.14
N TYR A 868 24.60 31.70 15.16
CA TYR A 868 25.42 31.18 14.07
C TYR A 868 26.03 32.30 13.25
N ALA A 869 25.22 33.33 12.92
CA ALA A 869 25.72 34.45 12.15
C ALA A 869 26.70 35.30 12.95
N ALA A 870 26.46 35.45 14.25
CA ALA A 870 27.37 36.20 15.11
C ALA A 870 28.71 35.49 15.24
N PHE A 871 28.69 34.17 15.39
CA PHE A 871 29.94 33.41 15.41
C PHE A 871 30.61 33.40 14.06
N LEU A 872 29.83 33.41 12.97
CA LEU A 872 30.37 33.49 11.62
C LEU A 872 31.11 34.81 11.41
N ALA A 873 30.53 35.91 11.90
CA ALA A 873 31.20 37.21 11.82
C ALA A 873 32.40 37.26 12.77
N LEU A 874 32.35 36.52 13.87
CA LEU A 874 33.49 36.47 14.77
C LEU A 874 34.67 35.74 14.12
N THR A 875 34.40 34.64 13.42
CA THR A 875 35.46 33.90 12.73
C THR A 875 35.95 34.63 11.50
N ASP A 876 35.07 35.35 10.80
CA ASP A 876 35.42 36.10 9.61
C ASP A 876 34.47 37.28 9.46
N PRO A 877 34.93 38.53 9.74
CA PRO A 877 34.01 39.68 9.81
C PRO A 877 33.30 40.01 8.52
N GLY A 878 34.03 40.21 7.43
CA GLY A 878 33.40 40.49 6.15
C GLY A 878 32.92 39.21 5.50
N GLY A 879 31.96 38.53 6.12
CA GLY A 879 31.54 37.24 5.65
C GLY A 879 30.06 36.94 5.73
N ARG A 880 29.54 36.27 4.71
CA ARG A 880 28.17 35.79 4.74
C ARG A 880 28.07 34.30 5.01
N PHE A 881 29.02 33.51 4.54
CA PHE A 881 29.06 32.08 4.81
C PHE A 881 30.17 31.73 5.77
N LEU A 882 30.08 30.52 6.33
CA LEU A 882 31.05 30.00 7.27
C LEU A 882 32.03 29.09 6.52
N LYS A 883 33.31 29.44 6.55
CA LYS A 883 34.35 28.76 5.80
C LYS A 883 35.25 28.03 6.79
N VAL A 884 34.83 26.83 7.19
CA VAL A 884 35.57 26.06 8.18
C VAL A 884 35.75 24.63 7.69
N SER A 885 36.71 23.96 8.27
CA SER A 885 36.83 22.52 8.21
C SER A 885 36.36 21.91 9.53
N PRO A 886 35.76 20.71 9.50
CA PRO A 886 35.26 20.10 10.75
C PRO A 886 36.33 19.83 11.80
N SER A 887 37.58 19.64 11.39
CA SER A 887 38.64 19.22 12.30
C SER A 887 39.58 20.35 12.71
N GLU A 888 39.36 21.57 12.23
CA GLU A 888 40.29 22.65 12.53
C GLU A 888 39.79 23.49 13.69
N ASP A 889 40.72 23.88 14.57
CA ASP A 889 40.40 24.71 15.72
C ASP A 889 40.35 26.15 15.22
N VAL A 890 39.14 26.67 15.07
CA VAL A 890 38.96 27.97 14.45
C VAL A 890 39.11 29.10 15.46
N LEU A 891 38.45 28.97 16.62
CA LEU A 891 38.54 30.01 17.63
C LEU A 891 39.18 29.47 18.90
N PRO A 892 39.97 30.28 19.60
CA PRO A 892 40.59 29.81 20.84
C PRO A 892 39.67 29.99 22.05
N ALA A 893 40.15 29.61 23.22
CA ALA A 893 39.33 29.62 24.44
C ALA A 893 39.39 30.99 25.10
N ASP A 894 38.82 31.98 24.40
CA ASP A 894 38.83 33.36 24.87
C ASP A 894 37.92 33.51 26.08
N GLU A 895 38.53 33.65 27.26
CA GLU A 895 37.84 33.63 28.53
C GLU A 895 36.96 34.86 28.78
N ASN A 896 37.05 35.88 27.93
CA ASN A 896 36.19 37.05 28.02
C ASN A 896 35.56 37.38 26.68
N ARG A 897 35.18 36.35 25.91
CA ARG A 897 34.50 36.56 24.64
C ARG A 897 33.01 36.74 24.85
N HIS A 898 32.45 37.79 24.28
CA HIS A 898 31.03 38.10 24.41
C HIS A 898 30.40 38.12 23.02
N ILE A 899 29.33 37.34 22.85
CA ILE A 899 28.56 37.34 21.61
C ILE A 899 27.37 38.26 21.83
N VAL A 900 27.28 39.32 21.04
CA VAL A 900 26.24 40.33 21.21
C VAL A 900 25.19 40.11 20.14
N LEU A 901 24.05 39.55 20.53
CA LEU A 901 22.92 39.36 19.64
C LEU A 901 22.11 40.66 19.57
N SER A 902 20.98 40.62 18.88
CA SER A 902 20.10 41.77 18.83
C SER A 902 19.13 41.83 20.00
N ASP A 903 19.13 40.82 20.88
CA ASP A 903 18.21 40.82 22.00
C ASP A 903 18.91 40.35 23.28
N ARG A 904 20.18 39.94 23.21
CA ARG A 904 20.89 39.51 24.41
C ARG A 904 22.39 39.59 24.16
N VAL A 905 23.14 39.61 25.25
CA VAL A 905 24.59 39.45 25.21
C VAL A 905 24.90 38.14 25.93
N LEU A 906 25.57 37.23 25.23
CA LEU A 906 26.01 35.96 25.78
C LEU A 906 27.44 36.12 26.25
N GLY A 907 27.65 35.96 27.54
CA GLY A 907 28.99 36.04 28.09
C GLY A 907 29.78 34.78 27.83
N PRO A 908 31.04 34.80 28.23
CA PRO A 908 31.91 33.62 28.02
C PRO A 908 31.51 32.41 28.83
N ARG A 909 30.64 32.55 29.83
CA ARG A 909 30.09 31.42 30.57
C ARG A 909 28.81 30.89 29.96
N ASP A 910 28.17 31.66 29.09
CA ASP A 910 26.87 31.29 28.51
C ASP A 910 27.03 30.11 27.56
N ARG A 911 26.02 29.25 27.56
CA ARG A 911 26.05 28.01 26.79
C ARG A 911 25.12 28.11 25.59
N VAL A 912 25.66 27.78 24.42
CA VAL A 912 24.98 27.86 23.13
C VAL A 912 24.48 26.48 22.76
N LYS A 913 23.23 26.42 22.32
CA LYS A 913 22.60 25.18 21.90
C LYS A 913 23.17 24.72 20.56
N LEU A 914 23.58 23.45 20.47
CA LEU A 914 24.14 22.89 19.26
C LEU A 914 23.39 21.65 18.81
N PHE A 915 23.38 21.44 17.51
CA PHE A 915 22.87 20.22 16.92
C PHE A 915 23.76 19.05 17.34
N PRO A 916 23.19 17.86 17.55
CA PRO A 916 23.98 16.76 18.12
C PRO A 916 25.08 16.22 17.21
N ASP A 917 24.94 16.34 15.89
CA ASP A 917 25.91 15.78 14.96
C ASP A 917 26.23 16.79 13.87
N ASP A 918 27.42 16.64 13.27
CA ASP A 918 27.91 17.50 12.20
C ASP A 918 27.28 17.08 10.86
N ARG A 919 25.97 17.23 10.78
CA ARG A 919 25.21 16.97 9.57
C ARG A 919 24.00 17.87 9.59
N GLY A 920 23.37 18.03 8.43
CA GLY A 920 22.25 18.92 8.28
C GLY A 920 21.04 18.56 9.12
N SER A 921 20.61 19.49 9.95
CA SER A 921 19.49 19.23 10.85
C SER A 921 18.80 20.55 11.16
N ILE A 922 17.54 20.44 11.59
CA ILE A 922 16.71 21.58 11.90
C ILE A 922 16.08 21.37 13.27
N ARG A 923 15.70 22.48 13.91
CA ARG A 923 15.01 22.42 15.18
C ARG A 923 13.53 22.16 14.96
N VAL A 924 13.02 21.09 15.56
CA VAL A 924 11.63 20.67 15.43
C VAL A 924 11.11 20.35 16.83
N ARG A 925 10.11 21.12 17.28
CA ARG A 925 9.31 20.83 18.48
C ARG A 925 10.18 20.65 19.73
N GLY A 926 11.11 21.57 19.92
CA GLY A 926 11.99 21.54 21.07
C GLY A 926 13.14 20.57 20.95
N GLY A 927 13.28 19.88 19.82
CA GLY A 927 14.35 18.93 19.64
C GLY A 927 15.04 19.11 18.31
N ALA A 928 15.95 18.21 17.97
CA ALA A 928 16.67 18.28 16.70
C ALA A 928 16.24 17.14 15.81
N ALA A 929 16.03 17.43 14.54
CA ALA A 929 15.71 16.40 13.56
C ALA A 929 16.66 16.56 12.39
N TYR A 930 17.29 15.45 11.98
CA TYR A 930 18.07 15.45 10.75
C TYR A 930 17.18 15.78 9.56
N ILE A 931 17.78 16.39 8.54
CA ILE A 931 17.04 16.67 7.33
C ILE A 931 16.71 15.36 6.62
N ALA A 932 15.64 15.39 5.83
CA ALA A 932 15.22 14.25 5.05
C ALA A 932 16.07 14.18 3.77
N SER A 933 15.62 13.37 2.81
CA SER A 933 16.32 13.23 1.53
C SER A 933 16.37 14.57 0.81
N PHE A 934 17.40 14.76 -0.01
CA PHE A 934 17.56 16.01 -0.74
C PHE A 934 16.50 16.14 -1.82
N HIS A 935 15.79 17.26 -1.79
CA HIS A 935 14.82 17.55 -2.84
C HIS A 935 15.53 17.79 -4.17
N HIS A 936 16.60 18.58 -4.17
CA HIS A 936 17.34 18.86 -5.39
C HIS A 936 18.75 19.28 -5.02
N ALA A 937 19.58 19.44 -6.04
CA ALA A 937 20.90 20.03 -5.91
C ALA A 937 21.01 21.20 -6.89
N ARG A 938 21.50 22.32 -6.43
CA ARG A 938 21.75 23.46 -7.31
C ARG A 938 23.18 23.37 -7.81
N VAL A 939 23.36 23.50 -9.12
CA VAL A 939 24.66 23.32 -9.75
C VAL A 939 25.33 24.67 -9.87
N PHE A 940 26.52 24.80 -9.30
CA PHE A 940 27.29 26.03 -9.36
C PHE A 940 28.56 25.80 -10.17
N ARG A 941 28.86 26.72 -11.06
CA ARG A 941 30.04 26.68 -11.90
C ARG A 941 30.84 27.95 -11.71
N TRP A 942 32.16 27.80 -11.59
CA TRP A 942 33.06 28.94 -11.56
C TRP A 942 34.33 28.57 -12.30
N GLY A 943 35.31 29.45 -12.23
CA GLY A 943 36.56 29.23 -12.92
C GLY A 943 36.51 29.68 -14.36
N SER A 944 37.62 29.45 -15.04
CA SER A 944 37.75 29.81 -16.45
C SER A 944 36.90 28.89 -17.31
N SER A 945 36.65 29.33 -18.54
CA SER A 945 35.80 28.56 -19.43
C SER A 945 36.48 27.32 -19.99
N HIS A 946 37.81 27.29 -20.04
CA HIS A 946 38.48 26.11 -20.57
C HIS A 946 38.51 24.98 -19.54
N SER A 947 38.49 25.29 -18.25
CA SER A 947 38.49 24.26 -17.20
C SER A 947 37.71 24.76 -15.98
N PRO A 948 36.38 24.71 -16.04
CA PRO A 948 35.57 25.21 -14.94
C PRO A 948 35.49 24.22 -13.79
N SER A 949 35.26 24.77 -12.61
CA SER A 949 35.06 23.98 -11.42
C SER A 949 33.58 23.97 -11.11
N PHE A 950 33.09 22.83 -10.64
CA PHE A 950 31.67 22.62 -10.41
C PHE A 950 31.45 22.14 -8.98
N ALA A 951 30.29 22.47 -8.44
CA ALA A 951 29.90 21.99 -7.13
C ALA A 951 28.38 21.96 -7.03
N LEU A 952 27.89 21.16 -6.10
CA LEU A 952 26.48 21.03 -5.84
C LEU A 952 26.14 21.64 -4.50
N LEU A 953 25.04 22.37 -4.46
CA LEU A 953 24.40 22.82 -3.24
C LEU A 953 23.19 21.93 -3.02
N ARG A 954 23.30 20.98 -2.10
CA ARG A 954 22.25 20.00 -1.88
C ARG A 954 21.16 20.60 -0.99
N VAL A 955 19.94 20.65 -1.51
CA VAL A 955 18.82 21.32 -0.88
C VAL A 955 17.75 20.29 -0.53
N SER A 956 17.43 20.20 0.76
CA SER A 956 16.35 19.36 1.25
C SER A 956 15.09 20.20 1.46
N LEU A 957 14.01 19.51 1.79
CA LEU A 957 12.76 20.19 2.12
C LEU A 957 12.83 20.94 3.44
N ALA A 958 13.74 20.53 4.35
CA ALA A 958 13.95 21.26 5.59
C ALA A 958 14.59 22.62 5.32
N ASP A 959 15.47 22.68 4.32
CA ASP A 959 16.08 23.95 3.91
C ASP A 959 15.02 24.93 3.43
N LEU A 960 14.09 24.43 2.60
CA LEU A 960 13.01 25.26 2.09
C LEU A 960 12.03 25.64 3.20
N ALA A 961 11.81 24.73 4.16
CA ALA A 961 10.88 25.01 5.24
C ALA A 961 11.44 26.09 6.17
N VAL A 962 12.69 25.95 6.61
CA VAL A 962 13.24 26.94 7.53
C VAL A 962 13.64 28.21 6.81
N ALA A 963 13.79 28.17 5.48
CA ALA A 963 13.95 29.39 4.71
C ALA A 963 12.61 30.05 4.41
N GLY A 964 11.50 29.41 4.74
CA GLY A 964 10.18 29.97 4.47
C GLY A 964 9.71 29.84 3.05
N LEU A 965 10.35 29.01 2.24
CA LEU A 965 10.04 28.91 0.82
C LEU A 965 8.95 27.90 0.51
N LEU A 966 8.35 27.27 1.52
CA LEU A 966 7.22 26.37 1.29
C LEU A 966 5.91 27.16 1.31
N ARG A 967 5.83 28.13 0.39
CA ARG A 967 4.70 29.04 0.30
C ARG A 967 4.39 29.28 -1.17
N ASP A 968 3.39 30.11 -1.42
CA ASP A 968 2.95 30.38 -2.78
C ASP A 968 3.94 31.29 -3.50
N GLY A 969 3.98 31.16 -4.82
CA GLY A 969 4.78 32.02 -5.68
C GLY A 969 6.28 31.91 -5.51
N VAL A 970 6.78 30.71 -5.25
CA VAL A 970 8.20 30.49 -4.97
C VAL A 970 8.72 29.44 -5.93
N ASP A 971 9.81 29.77 -6.64
CA ASP A 971 10.55 28.79 -7.41
C ASP A 971 11.62 28.20 -6.50
N VAL A 972 11.41 26.96 -6.05
CA VAL A 972 12.26 26.35 -5.03
C VAL A 972 13.67 26.07 -5.53
N PHE A 973 13.89 26.03 -6.84
CA PHE A 973 15.20 25.73 -7.40
C PHE A 973 16.11 26.95 -7.52
N THR A 974 15.55 28.16 -7.45
CA THR A 974 16.34 29.37 -7.61
C THR A 974 16.21 30.36 -6.47
N ALA A 975 15.20 30.23 -5.62
CA ALA A 975 15.00 31.15 -4.50
C ALA A 975 16.15 31.02 -3.51
N GLU A 976 16.59 32.16 -3.00
CA GLU A 976 17.81 32.20 -2.18
C GLU A 976 17.63 31.51 -0.85
N LEU A 977 18.66 30.79 -0.44
CA LEU A 977 18.67 30.14 0.85
C LEU A 977 19.62 30.88 1.77
N PRO A 978 19.20 31.18 3.00
CA PRO A 978 20.09 31.87 3.93
C PRO A 978 21.27 31.00 4.32
N PRO A 979 22.40 31.60 4.70
CA PRO A 979 23.60 30.80 5.00
C PRO A 979 23.48 29.87 6.20
N TRP A 980 22.54 30.12 7.11
CA TRP A 980 22.40 29.26 8.27
C TRP A 980 21.56 28.02 7.98
N THR A 981 21.02 27.89 6.76
CA THR A 981 20.33 26.67 6.37
C THR A 981 21.33 25.51 6.31
N PRO A 982 20.86 24.27 6.52
CA PRO A 982 21.77 23.11 6.40
C PRO A 982 22.40 22.97 5.02
N ALA A 983 21.72 23.46 3.97
CA ALA A 983 22.24 23.40 2.62
C ALA A 983 23.54 24.17 2.49
N TRP A 984 23.56 25.42 2.97
CA TRP A 984 24.76 26.23 2.88
C TRP A 984 25.74 25.90 3.99
N ARG A 985 25.26 25.39 5.12
CA ARG A 985 26.16 24.97 6.19
C ARG A 985 27.02 23.81 5.75
N TYR A 986 26.43 22.83 5.06
CA TYR A 986 27.14 21.61 4.73
C TYR A 986 27.47 21.50 3.26
N ALA A 987 27.53 22.63 2.56
CA ALA A 987 28.13 22.68 1.25
C ALA A 987 29.65 22.51 1.36
N SER A 988 30.28 22.20 0.23
CA SER A 988 31.72 22.02 0.23
C SER A 988 32.43 23.34 0.43
N ILE A 989 33.67 23.25 0.93
CA ILE A 989 34.45 24.45 1.25
C ILE A 989 34.82 25.21 -0.02
N ALA A 990 35.09 24.50 -1.12
CA ALA A 990 35.41 25.17 -2.38
C ALA A 990 34.21 25.91 -2.93
N LEU A 991 33.02 25.31 -2.81
CA LEU A 991 31.79 25.98 -3.21
C LEU A 991 31.51 27.21 -2.36
N VAL A 992 31.73 27.10 -1.05
CA VAL A 992 31.48 28.23 -0.15
C VAL A 992 32.43 29.39 -0.48
N LYS A 993 33.71 29.08 -0.68
CA LYS A 993 34.69 30.12 -1.00
C LYS A 993 34.43 30.75 -2.36
N ALA A 994 33.99 29.95 -3.33
CA ALA A 994 33.74 30.47 -4.67
C ALA A 994 32.47 31.30 -4.73
N VAL A 995 31.43 30.90 -4.01
CA VAL A 995 30.20 31.69 -3.96
C VAL A 995 30.44 33.00 -3.23
N GLU A 996 31.20 32.95 -2.13
CA GLU A 996 31.50 34.15 -1.38
C GLU A 996 32.41 35.10 -2.17
N SER A 997 33.38 34.55 -2.89
CA SER A 997 34.29 35.38 -3.69
C SER A 997 33.61 36.00 -4.91
N GLY A 998 32.43 35.52 -5.30
CA GLY A 998 31.67 36.10 -6.37
C GLY A 998 31.86 35.48 -7.74
N ASP A 999 32.63 34.40 -7.85
CA ASP A 999 32.83 33.74 -9.14
C ASP A 999 31.82 32.64 -9.39
N ALA A 1000 31.36 31.96 -8.35
CA ALA A 1000 30.41 30.87 -8.54
C ALA A 1000 29.00 31.41 -8.76
N LYS A 1001 28.39 31.00 -9.86
CA LYS A 1001 27.01 31.29 -10.17
C LYS A 1001 26.26 29.99 -10.38
N GLN A 1002 24.99 29.97 -10.02
CA GLN A 1002 24.16 28.79 -10.21
C GLN A 1002 23.75 28.71 -11.68
N VAL A 1003 24.09 27.60 -12.32
CA VAL A 1003 23.83 27.40 -13.75
C VAL A 1003 22.70 26.41 -14.01
N GLY A 1004 22.21 25.72 -12.99
CA GLY A 1004 21.14 24.76 -13.20
C GLY A 1004 20.78 24.09 -11.89
N TRP A 1005 19.89 23.11 -11.99
CA TRP A 1005 19.53 22.29 -10.85
C TRP A 1005 19.34 20.85 -11.30
N LEU A 1006 19.52 19.94 -10.35
CA LEU A 1006 19.37 18.51 -10.58
C LEU A 1006 18.40 17.96 -9.55
N VAL A 1007 17.42 17.19 -10.00
CA VAL A 1007 16.57 16.47 -9.06
C VAL A 1007 16.93 15.00 -9.19
N PRO A 1008 16.61 14.15 -8.21
CA PRO A 1008 16.69 12.70 -8.43
C PRO A 1008 15.81 12.30 -9.60
N GLY A 1009 16.41 11.60 -10.55
CA GLY A 1009 15.74 11.25 -11.78
C GLY A 1009 16.12 12.07 -13.00
N ASP A 1010 16.93 13.11 -12.85
CA ASP A 1010 17.48 13.76 -14.03
C ASP A 1010 18.46 12.86 -14.75
N GLU A 1011 18.29 12.79 -16.07
CA GLU A 1011 19.11 11.94 -16.92
C GLU A 1011 20.35 12.73 -17.33
N LEU A 1012 21.50 12.14 -17.12
CA LEU A 1012 22.77 12.69 -17.57
C LEU A 1012 23.17 11.90 -18.80
N ASP A 1013 23.15 12.55 -19.96
CA ASP A 1013 23.57 11.95 -21.21
C ASP A 1013 24.99 12.42 -21.47
N PHE A 1014 25.94 11.49 -21.39
CA PHE A 1014 27.35 11.84 -21.52
C PHE A 1014 27.77 12.00 -22.98
N GLY A 1015 26.91 11.68 -23.93
CA GLY A 1015 27.21 11.84 -25.33
C GLY A 1015 27.69 10.57 -25.98
N PRO A 1016 28.07 10.64 -27.25
CA PRO A 1016 28.64 9.46 -27.92
C PRO A 1016 29.99 9.03 -27.37
N GLU A 1017 30.76 9.96 -26.80
CA GLU A 1017 32.04 9.59 -26.20
C GLU A 1017 31.89 8.82 -24.89
N GLY A 1018 30.77 8.98 -24.20
CA GLY A 1018 30.53 8.25 -22.97
C GLY A 1018 31.31 8.83 -21.80
N VAL A 1019 31.54 7.98 -20.81
CA VAL A 1019 32.24 8.35 -19.60
C VAL A 1019 33.74 8.14 -19.81
N THR A 1020 34.52 9.21 -19.64
CA THR A 1020 35.96 9.16 -19.86
C THR A 1020 36.77 9.31 -18.57
N THR A 1021 36.15 9.31 -17.41
CA THR A 1021 36.85 9.49 -16.14
C THR A 1021 36.67 8.28 -15.23
N ALA A 1022 36.41 7.11 -15.81
CA ALA A 1022 36.22 5.90 -15.04
C ALA A 1022 37.54 5.38 -14.47
N ALA A 1023 37.48 4.81 -13.27
CA ALA A 1023 38.66 4.27 -12.63
C ALA A 1023 38.24 3.20 -11.62
N GLY A 1024 38.94 2.06 -11.65
CA GLY A 1024 38.77 1.01 -10.66
C GLY A 1024 37.68 -0.01 -10.95
N ASP A 1025 36.43 0.37 -10.74
CA ASP A 1025 35.30 -0.53 -10.95
C ASP A 1025 34.41 -0.05 -12.08
N LEU A 1026 34.26 1.28 -12.23
CA LEU A 1026 33.49 1.82 -13.34
C LEU A 1026 34.12 1.52 -14.69
N SER A 1027 35.46 1.49 -14.78
CA SER A 1027 36.10 1.12 -16.04
C SER A 1027 35.77 -0.30 -16.43
N MET A 1028 35.75 -1.20 -15.45
CA MET A 1028 35.46 -2.60 -15.70
C MET A 1028 33.98 -2.78 -16.04
N PHE A 1029 33.10 -1.96 -15.46
CA PHE A 1029 31.70 -2.02 -15.82
C PHE A 1029 31.46 -1.45 -17.22
N LEU A 1030 32.19 -0.39 -17.58
CA LEU A 1030 32.02 0.26 -18.87
C LEU A 1030 32.68 -0.47 -20.02
N LYS A 1031 33.56 -1.45 -19.74
CA LYS A 1031 34.06 -2.29 -20.83
C LYS A 1031 32.95 -3.10 -21.47
N TYR A 1032 32.02 -3.61 -20.66
CA TYR A 1032 30.96 -4.48 -21.13
C TYR A 1032 29.61 -3.79 -21.23
N PHE A 1033 29.38 -2.76 -20.43
CA PHE A 1033 28.14 -1.96 -20.47
C PHE A 1033 28.56 -0.51 -20.60
N PRO A 1034 28.85 -0.04 -21.81
CA PRO A 1034 29.30 1.36 -22.00
C PRO A 1034 28.14 2.34 -21.98
N GLU A 1035 27.58 2.56 -20.80
CA GLU A 1035 26.36 3.34 -20.66
C GLU A 1035 26.65 4.83 -20.74
N ARG A 1036 25.98 5.51 -21.66
CA ARG A 1036 26.09 6.96 -21.79
C ARG A 1036 24.94 7.70 -21.11
N HIS A 1037 23.85 7.00 -20.78
CA HIS A 1037 22.70 7.60 -20.13
C HIS A 1037 22.65 7.12 -18.68
N TRP A 1038 22.71 8.07 -17.75
CA TRP A 1038 22.76 7.78 -16.32
C TRP A 1038 21.65 8.54 -15.62
N VAL A 1039 21.18 7.99 -14.50
CA VAL A 1039 20.09 8.59 -13.74
C VAL A 1039 20.62 9.02 -12.38
N VAL A 1040 20.38 10.28 -12.03
CA VAL A 1040 20.74 10.77 -10.70
C VAL A 1040 19.82 10.12 -9.67
N THR A 1041 20.42 9.49 -8.66
CA THR A 1041 19.64 8.88 -7.59
C THR A 1041 19.83 9.55 -6.23
N GLY A 1042 20.78 10.46 -6.10
CA GLY A 1042 21.03 11.11 -4.82
C GLY A 1042 22.32 11.88 -4.87
N PHE A 1043 22.61 12.56 -3.75
CA PHE A 1043 23.81 13.36 -3.59
C PHE A 1043 24.42 13.03 -2.22
N GLU A 1044 25.27 12.00 -2.17
CA GLU A 1044 25.59 11.35 -0.89
C GLU A 1044 26.50 12.16 0.03
N ASP A 1045 27.23 13.14 -0.48
CA ASP A 1045 27.93 14.13 0.35
C ASP A 1045 28.15 15.38 -0.50
N ASP A 1046 28.90 16.34 0.05
CA ASP A 1046 29.07 17.67 -0.53
C ASP A 1046 29.82 17.68 -1.86
N LYS A 1047 30.50 16.59 -2.23
CA LYS A 1047 31.27 16.57 -3.46
C LYS A 1047 30.83 15.47 -4.43
N ARG A 1048 29.73 14.76 -4.15
CA ARG A 1048 29.42 13.57 -4.92
C ARG A 1048 27.94 13.52 -5.30
N ILE A 1049 27.71 12.79 -6.39
CA ILE A 1049 26.39 12.55 -6.94
C ILE A 1049 26.32 11.07 -7.27
N ASN A 1050 25.19 10.44 -6.95
CA ASN A 1050 25.02 9.02 -7.20
C ASN A 1050 24.32 8.84 -8.55
N LEU A 1051 24.93 8.05 -9.42
CA LEU A 1051 24.41 7.81 -10.75
C LEU A 1051 24.27 6.32 -10.97
N LYS A 1052 23.15 5.92 -11.55
CA LYS A 1052 22.94 4.55 -11.99
C LYS A 1052 22.60 4.56 -13.47
N PRO A 1053 22.89 3.50 -14.21
CA PRO A 1053 22.63 3.55 -15.66
C PRO A 1053 21.14 3.53 -15.96
N ALA A 1054 20.77 4.31 -16.97
CA ALA A 1054 19.35 4.46 -17.30
C ALA A 1054 18.78 3.19 -17.92
N PHE A 1055 19.55 2.52 -18.77
CA PHE A 1055 19.00 1.43 -19.57
C PHE A 1055 19.06 0.08 -18.89
N LEU A 1056 19.68 -0.05 -17.72
CA LEU A 1056 19.93 -1.35 -17.11
C LEU A 1056 19.12 -1.51 -15.84
N SER A 1057 18.50 -2.67 -15.69
CA SER A 1057 17.60 -2.95 -14.57
C SER A 1057 18.37 -3.53 -13.39
N ALA A 1058 17.97 -3.12 -12.19
CA ALA A 1058 18.54 -3.68 -10.97
C ALA A 1058 17.98 -5.07 -10.67
N GLU A 1059 16.77 -5.39 -11.14
CA GLU A 1059 16.22 -6.72 -10.90
C GLU A 1059 16.97 -7.78 -11.69
N GLN A 1060 17.45 -7.45 -12.89
CA GLN A 1060 18.24 -8.40 -13.65
C GLN A 1060 19.54 -8.72 -12.93
N ALA A 1061 20.18 -7.70 -12.33
CA ALA A 1061 21.39 -7.94 -11.55
C ALA A 1061 21.08 -8.73 -10.27
N GLU A 1062 19.95 -8.44 -9.63
CA GLU A 1062 19.58 -9.16 -8.41
C GLU A 1062 19.26 -10.62 -8.70
N VAL A 1063 18.64 -10.91 -9.85
CA VAL A 1063 18.38 -12.31 -10.17
C VAL A 1063 19.65 -12.99 -10.69
N LEU A 1064 20.62 -12.22 -11.22
CA LEU A 1064 21.95 -12.78 -11.46
C LEU A 1064 22.57 -13.26 -10.16
N ARG A 1065 22.49 -12.42 -9.12
CA ARG A 1065 23.01 -12.80 -7.81
C ARG A 1065 22.22 -13.96 -7.19
N THR A 1066 20.91 -14.02 -7.47
CA THR A 1066 20.08 -15.10 -6.94
C THR A 1066 20.42 -16.43 -7.60
N GLU A 1067 20.55 -16.46 -8.92
CA GLU A 1067 20.84 -17.69 -9.64
C GLU A 1067 22.31 -18.08 -9.58
N ARG A 1068 23.20 -17.16 -9.17
CA ARG A 1068 24.61 -17.50 -8.99
C ARG A 1068 24.79 -18.53 -7.87
N SER A 1069 24.02 -18.39 -6.80
CA SER A 1069 24.11 -19.36 -5.70
C SER A 1069 23.55 -20.71 -6.13
N ASP A 1070 22.46 -20.72 -6.89
CA ASP A 1070 21.82 -21.98 -7.26
C ASP A 1070 22.52 -22.69 -8.41
N ARG A 1071 23.35 -22.01 -9.20
CA ARG A 1071 23.90 -22.68 -10.37
C ARG A 1071 25.40 -22.40 -10.50
N PRO A 1072 26.19 -23.41 -10.95
CA PRO A 1072 27.65 -23.26 -10.91
C PRO A 1072 28.25 -22.41 -12.03
N ASP A 1073 28.63 -21.17 -11.68
CA ASP A 1073 29.37 -20.23 -12.55
C ASP A 1073 28.65 -20.00 -13.88
N THR A 1074 27.32 -19.92 -13.82
CA THR A 1074 26.54 -19.67 -15.02
C THR A 1074 26.69 -18.21 -15.47
N LEU A 1075 26.99 -17.31 -14.53
CA LEU A 1075 27.16 -15.92 -14.88
C LEU A 1075 28.45 -15.76 -15.69
N THR A 1076 28.41 -14.92 -16.71
CA THR A 1076 29.64 -14.61 -17.44
C THR A 1076 30.45 -13.58 -16.65
N GLU A 1077 31.53 -13.12 -17.28
CA GLU A 1077 32.30 -12.03 -16.70
C GLU A 1077 31.43 -10.77 -16.65
N ALA A 1078 30.67 -10.52 -17.71
CA ALA A 1078 29.74 -9.41 -17.74
C ALA A 1078 28.65 -9.58 -16.70
N GLY A 1079 28.19 -10.81 -16.47
CA GLY A 1079 27.18 -11.05 -15.45
C GLY A 1079 27.69 -10.77 -14.05
N GLU A 1080 28.89 -11.24 -13.72
CA GLU A 1080 29.48 -10.92 -12.41
C GLU A 1080 29.74 -9.42 -12.27
N ILE A 1081 30.19 -8.77 -13.34
CA ILE A 1081 30.50 -7.35 -13.27
C ILE A 1081 29.23 -6.53 -13.06
N LEU A 1082 28.14 -6.90 -13.73
CA LEU A 1082 26.85 -6.25 -13.50
C LEU A 1082 26.34 -6.52 -12.09
N ALA A 1083 26.48 -7.76 -11.61
CA ALA A 1083 25.98 -8.15 -10.30
C ALA A 1083 26.71 -7.47 -9.16
N GLN A 1084 27.99 -7.15 -9.34
CA GLN A 1084 28.68 -6.36 -8.32
C GLN A 1084 28.59 -4.85 -8.54
N PHE A 1085 28.33 -4.37 -9.76
CA PHE A 1085 28.10 -2.95 -9.95
C PHE A 1085 26.80 -2.53 -9.30
N PHE A 1086 25.74 -3.28 -9.51
CA PHE A 1086 24.48 -2.94 -8.88
C PHE A 1086 24.46 -3.45 -7.42
N PRO A 1087 23.69 -2.80 -6.52
CA PRO A 1087 22.81 -1.63 -6.69
C PRO A 1087 23.43 -0.28 -6.37
N ARG A 1088 24.64 -0.23 -5.82
CA ARG A 1088 25.23 1.05 -5.45
C ARG A 1088 25.65 1.86 -6.67
N CYS A 1089 26.04 1.20 -7.74
CA CYS A 1089 26.31 1.76 -9.08
C CYS A 1089 27.44 2.80 -8.96
N TRP A 1090 27.33 3.94 -9.62
CA TRP A 1090 28.43 4.90 -9.74
C TRP A 1090 28.23 5.98 -8.67
N ARG A 1091 28.87 5.77 -7.53
CA ARG A 1091 28.95 6.79 -6.49
C ARG A 1091 30.03 7.77 -6.93
N ALA A 1092 29.62 8.75 -7.72
CA ALA A 1092 30.50 9.54 -8.57
C ALA A 1092 30.88 10.86 -7.94
N THR A 1093 32.03 11.38 -8.33
CA THR A 1093 32.45 12.71 -7.91
C THR A 1093 31.88 13.76 -8.85
N VAL A 1094 31.38 14.86 -8.29
CA VAL A 1094 30.80 15.94 -9.07
C VAL A 1094 31.86 16.55 -9.98
N ALA A 1095 33.07 16.69 -9.46
CA ALA A 1095 34.18 17.23 -10.24
C ALA A 1095 34.57 16.27 -11.36
N LYS A 1096 34.40 14.96 -11.17
CA LYS A 1096 34.74 13.97 -12.17
C LYS A 1096 33.58 13.66 -13.12
N VAL A 1097 32.40 14.19 -12.86
CA VAL A 1097 31.25 14.00 -13.73
C VAL A 1097 30.98 15.22 -14.58
N LEU A 1098 30.93 16.40 -13.96
CA LEU A 1098 30.62 17.61 -14.70
C LEU A 1098 31.82 18.12 -15.50
N CYS A 1099 32.99 17.50 -15.36
CA CYS A 1099 34.16 17.83 -16.15
C CYS A 1099 34.10 17.23 -17.55
N HIS A 1100 33.11 16.41 -17.85
CA HIS A 1100 33.01 15.85 -19.19
C HIS A 1100 32.42 16.92 -20.09
N PRO A 1101 33.12 17.38 -21.12
CA PRO A 1101 32.48 18.26 -22.10
C PRO A 1101 31.47 17.48 -22.94
N GLY A 1102 30.42 18.17 -23.34
CA GLY A 1102 29.36 17.49 -24.07
C GLY A 1102 28.38 16.72 -23.22
N LEU A 1103 28.55 16.71 -21.90
CA LEU A 1103 27.55 16.14 -21.02
C LEU A 1103 26.33 17.03 -20.98
N THR A 1104 25.16 16.42 -21.14
CA THR A 1104 23.89 17.13 -21.14
C THR A 1104 23.02 16.59 -20.03
N VAL A 1105 22.34 17.48 -19.32
CA VAL A 1105 21.27 17.08 -18.42
C VAL A 1105 20.00 17.08 -19.25
N ILE A 1106 19.51 15.89 -19.60
CA ILE A 1106 18.41 15.74 -20.54
C ILE A 1106 17.10 15.66 -19.76
N ARG A 1107 16.18 16.57 -20.07
CA ARG A 1107 14.82 16.53 -19.55
C ARG A 1107 13.88 16.37 -20.74
N ARG A 1108 13.12 15.28 -20.74
CA ARG A 1108 12.40 14.86 -21.92
C ARG A 1108 10.94 15.27 -21.89
N THR A 1109 10.37 15.42 -23.08
CA THR A 1109 8.93 15.53 -23.23
C THR A 1109 8.31 14.15 -22.99
N ALA A 1110 6.97 14.11 -23.00
CA ALA A 1110 6.24 12.87 -22.77
C ALA A 1110 6.48 11.83 -23.87
N LEU A 1111 6.92 12.25 -25.05
CA LEU A 1111 7.25 11.34 -26.13
C LEU A 1111 8.67 10.82 -26.06
N GLY A 1112 9.40 11.16 -24.99
CA GLY A 1112 10.78 10.72 -24.82
C GLY A 1112 11.79 11.56 -25.55
N GLN A 1113 11.40 12.71 -26.03
CA GLN A 1113 12.24 13.64 -26.79
C GLN A 1113 12.77 14.73 -25.87
N PRO A 1114 14.07 15.02 -25.90
CA PRO A 1114 14.64 16.00 -24.96
C PRO A 1114 14.13 17.40 -25.23
N ARG A 1115 13.73 18.09 -24.16
CA ARG A 1115 13.22 19.46 -24.28
C ARG A 1115 14.39 20.42 -24.43
N TRP A 1116 14.55 21.00 -25.61
CA TRP A 1116 15.65 21.93 -25.84
C TRP A 1116 15.21 23.39 -25.88
N ARG A 1117 14.01 23.68 -26.39
CA ARG A 1117 13.52 25.05 -26.37
C ARG A 1117 13.14 25.45 -24.95
N ARG A 1118 13.58 26.64 -24.55
CA ARG A 1118 13.37 27.11 -23.19
C ARG A 1118 12.01 27.80 -23.10
N GLY A 1119 11.07 27.17 -22.40
CA GLY A 1119 9.77 27.75 -22.18
C GLY A 1119 9.43 27.73 -20.71
N HIS A 1120 8.25 27.20 -20.37
CA HIS A 1120 7.79 27.15 -18.99
C HIS A 1120 7.74 25.74 -18.45
N LEU A 1121 8.44 24.81 -19.07
CA LEU A 1121 8.62 23.44 -18.63
C LEU A 1121 10.12 23.16 -18.53
N PRO A 1122 10.54 22.21 -17.69
CA PRO A 1122 11.98 21.96 -17.50
C PRO A 1122 12.64 21.46 -18.78
N TYR A 1123 13.78 22.06 -19.10
CA TYR A 1123 14.42 21.83 -20.38
C TYR A 1123 15.80 21.22 -20.18
N SER A 1124 16.34 20.70 -21.27
CA SER A 1124 17.69 20.19 -21.26
C SER A 1124 18.70 21.33 -21.23
N TRP A 1125 19.84 21.08 -20.61
CA TRP A 1125 20.89 22.08 -20.47
C TRP A 1125 22.25 21.40 -20.38
N ARG A 1126 23.28 22.16 -20.72
CA ARG A 1126 24.68 21.72 -20.68
C ARG A 1126 25.40 22.43 -19.56
N PRO A 1127 25.90 21.73 -18.52
CA PRO A 1127 26.56 22.43 -17.39
C PRO A 1127 27.77 23.27 -17.79
N TRP A 1128 28.45 22.90 -18.86
CA TRP A 1128 29.54 23.70 -19.43
C TRP A 1128 29.06 25.03 -20.00
N SER A 1129 27.91 25.07 -20.66
CA SER A 1129 27.51 26.27 -21.37
C SER A 1129 26.20 26.84 -20.87
N ALA A 1130 25.64 26.31 -19.77
CA ALA A 1130 24.42 26.89 -19.22
C ALA A 1130 24.75 28.24 -18.63
N ASP A 1131 23.95 29.23 -18.97
CA ASP A 1131 24.14 30.56 -18.44
C ASP A 1131 23.74 30.59 -16.96
N PRO A 1132 24.30 31.52 -16.18
CA PRO A 1132 23.78 31.73 -14.82
C PRO A 1132 22.33 32.17 -14.85
N TRP A 1133 21.61 31.82 -13.78
CA TRP A 1133 20.18 32.08 -13.71
C TRP A 1133 19.89 33.57 -13.68
N SER A 1134 18.92 33.99 -14.49
CA SER A 1134 18.56 35.38 -14.62
C SER A 1134 17.73 35.86 -13.43
PG GTP B 1 -24.98 -21.48 -27.60
O1G GTP B 1 -23.85 -21.02 -26.71
O2G GTP B 1 -26.27 -20.78 -27.23
O3G GTP B 1 -25.15 -22.97 -27.44
O3B GTP B 1 -24.59 -21.11 -29.12
PB GTP B 1 -23.07 -21.23 -29.63
O1B GTP B 1 -22.25 -20.11 -29.04
O2B GTP B 1 -23.00 -21.26 -31.13
O3A GTP B 1 -22.59 -22.64 -29.03
PA GTP B 1 -23.09 -24.00 -29.73
O1A GTP B 1 -23.24 -25.10 -28.72
O2A GTP B 1 -24.39 -23.77 -30.47
O5' GTP B 1 -21.90 -24.31 -30.76
C5' GTP B 1 -20.61 -23.88 -30.40
C4' GTP B 1 -19.67 -23.89 -31.61
O4' GTP B 1 -20.06 -23.00 -32.63
C3' GTP B 1 -18.28 -23.42 -31.24
O3' GTP B 1 -17.52 -24.43 -30.61
C2' GTP B 1 -17.71 -23.05 -32.59
O2' GTP B 1 -17.07 -24.16 -33.16
C1' GTP B 1 -18.93 -22.69 -33.44
N9 GTP B 1 -18.97 -21.29 -33.92
C8 GTP B 1 -20.10 -20.53 -33.91
N7 GTP B 1 -19.82 -19.32 -34.45
C5 GTP B 1 -18.52 -19.31 -34.82
C6 GTP B 1 -17.75 -18.33 -35.41
O6 GTP B 1 -18.25 -17.24 -35.68
N1 GTP B 1 -16.42 -18.57 -35.69
C2 GTP B 1 -15.88 -19.79 -35.39
N2 GTP B 1 -14.60 -20.03 -35.65
N3 GTP B 1 -16.66 -20.77 -34.79
C4 GTP B 1 -17.97 -20.54 -34.51
MG MG G . 4.82 -9.09 12.30
MG MG H . 3.45 -5.84 -20.77
MG MG I . 6.66 -3.60 -19.77
MG MG J . -5.59 4.12 25.50
MG MG K . 5.18 -1.52 28.81
MG MG L . 5.80 5.23 30.22
MG MG M . 4.11 5.85 26.70
MG MG N . 0.43 19.98 16.46
MG MG O . 1.69 20.44 -12.41
MG MG P . -7.28 7.58 21.41
#